data_2FU2
# 
_entry.id   2FU2 
# 
_audit_conform.dict_name       mmcif_pdbx.dic 
_audit_conform.dict_version    5.398 
_audit_conform.dict_location   http://mmcif.pdb.org/dictionaries/ascii/mmcif_pdbx.dic 
# 
loop_
_database_2.database_id 
_database_2.database_code 
_database_2.pdbx_database_accession 
_database_2.pdbx_DOI 
PDB   2FU2         pdb_00002fu2 10.2210/pdb2fu2/pdb 
RCSB  RCSB036312   ?            ?                   
WWPDB D_1000036312 ?            ?                   
# 
loop_
_pdbx_audit_revision_history.ordinal 
_pdbx_audit_revision_history.data_content_type 
_pdbx_audit_revision_history.major_revision 
_pdbx_audit_revision_history.minor_revision 
_pdbx_audit_revision_history.revision_date 
1 'Structure model' 1 0 2006-03-07 
2 'Structure model' 1 1 2008-05-01 
3 'Structure model' 1 2 2011-07-13 
4 'Structure model' 1 3 2022-04-13 
5 'Structure model' 1 4 2024-11-06 
# 
_pdbx_audit_revision_details.ordinal             1 
_pdbx_audit_revision_details.revision_ordinal    1 
_pdbx_audit_revision_details.data_content_type   'Structure model' 
_pdbx_audit_revision_details.provider            repository 
_pdbx_audit_revision_details.type                'Initial release' 
_pdbx_audit_revision_details.description         ? 
_pdbx_audit_revision_details.details             ? 
# 
loop_
_pdbx_audit_revision_group.ordinal 
_pdbx_audit_revision_group.revision_ordinal 
_pdbx_audit_revision_group.data_content_type 
_pdbx_audit_revision_group.group 
1 2 'Structure model' 'Version format compliance' 
2 3 'Structure model' Advisory                    
3 3 'Structure model' 'Version format compliance' 
4 4 'Structure model' 'Database references'       
5 4 'Structure model' 'Derived calculations'      
6 4 'Structure model' 'Structure summary'         
7 5 'Structure model' 'Data collection'           
8 5 'Structure model' 'Structure summary'         
# 
loop_
_pdbx_audit_revision_category.ordinal 
_pdbx_audit_revision_category.revision_ordinal 
_pdbx_audit_revision_category.data_content_type 
_pdbx_audit_revision_category.category 
1 4 'Structure model' audit_author              
2 4 'Structure model' citation_author           
3 4 'Structure model' database_2                
4 4 'Structure model' struct_conn               
5 4 'Structure model' struct_ref_seq_dif        
6 5 'Structure model' chem_comp_atom            
7 5 'Structure model' chem_comp_bond            
8 5 'Structure model' pdbx_entry_details        
9 5 'Structure model' pdbx_modification_feature 
# 
loop_
_pdbx_audit_revision_item.ordinal 
_pdbx_audit_revision_item.revision_ordinal 
_pdbx_audit_revision_item.data_content_type 
_pdbx_audit_revision_item.item 
1 4 'Structure model' '_audit_author.identifier_ORCID'      
2 4 'Structure model' '_citation_author.identifier_ORCID'   
3 4 'Structure model' '_database_2.pdbx_DOI'                
4 4 'Structure model' '_database_2.pdbx_database_accession' 
5 4 'Structure model' '_struct_conn.pdbx_leaving_atom_flag' 
6 4 'Structure model' '_struct_ref_seq_dif.details'         
# 
_pdbx_database_status.status_code                     REL 
_pdbx_database_status.entry_id                        2FU2 
_pdbx_database_status.recvd_initial_deposition_date   2006-01-25 
_pdbx_database_status.deposit_site                    RCSB 
_pdbx_database_status.process_site                    RCSB 
_pdbx_database_status.status_code_sf                  REL 
_pdbx_database_status.status_code_mr                  ? 
_pdbx_database_status.SG_entry                        Y 
_pdbx_database_status.pdb_format_compatible           Y 
_pdbx_database_status.status_code_cs                  ? 
_pdbx_database_status.status_code_nmr_data            ? 
_pdbx_database_status.methods_development_category    ? 
# 
_pdbx_database_related.db_name        TargetDB 
_pdbx_database_related.db_id          APC80158 
_pdbx_database_related.details        . 
_pdbx_database_related.content_type   unspecified 
# 
loop_
_audit_author.name 
_audit_author.pdbx_ordinal 
_audit_author.identifier_ORCID 
'Chang, C.'                                     1 ?                   
'Cymborowski, M.'                               2 ?                   
'Otwinowski, Z.'                                3 ?                   
'Minor, W.'                                     4 0000-0001-7075-7090 
'Lezondra, L.-E.'                               5 ?                   
'Clancy, S.'                                    6 ?                   
'Joachimiak, A.'                                7 ?                   
'Midwest Center for Structural Genomics (MCSG)' 8 ?                   
# 
_citation.id                        primary 
_citation.title                     
'The structure of pyogenecin immunity protein, a novel bacteriocin-like immunity protein from Streptococcus pyogenes.' 
_citation.journal_abbrev            'Bmc Struct.Biol.' 
_citation.journal_volume            9 
_citation.page_first                75 
_citation.page_last                 75 
_citation.year                      2009 
_citation.journal_id_ASTM           ? 
_citation.country                   UK 
_citation.journal_id_ISSN           1472-6807 
_citation.journal_id_CSD            ? 
_citation.book_publisher            ? 
_citation.pdbx_database_id_PubMed   20017931 
_citation.pdbx_database_id_DOI      10.1186/1472-6807-9-75 
# 
loop_
_citation_author.citation_id 
_citation_author.name 
_citation_author.ordinal 
_citation_author.identifier_ORCID 
primary 'Chang, C.'       1 ?                   
primary 'Coggill, P.'     2 ?                   
primary 'Bateman, A.'     3 ?                   
primary 'Finn, R.D.'      4 ?                   
primary 'Cymborowski, M.' 5 ?                   
primary 'Otwinowski, Z.'  6 ?                   
primary 'Minor, W.'       7 0000-0001-7075-7090 
primary 'Volkart, L.'     8 ?                   
primary 'Joachimiak, A.'  9 ?                   
# 
loop_
_entity.id 
_entity.type 
_entity.src_method 
_entity.pdbx_description 
_entity.formula_weight 
_entity.pdbx_number_of_molecules 
_entity.pdbx_ec 
_entity.pdbx_mutation 
_entity.pdbx_fragment 
_entity.details 
1 polymer man 'Hypothetical protein SPy2152' 11468.672 1  ? ? ? ? 
2 water   nat water                          18.015    67 ? ? ? ? 
# 
_entity_poly.entity_id                      1 
_entity_poly.type                           'polypeptide(L)' 
_entity_poly.nstd_linkage                   no 
_entity_poly.nstd_monomer                   yes 
_entity_poly.pdbx_seq_one_letter_code       
;(MSE)PSEKEILDALSKVYSEQVIQADDYFRQAIFELASQLEKEG(MSE)SSLLATKIDSLINQYILTHQFDAPKSIFDL
SRLVKTKASHYKGTAISAI(MSE)LGSFLSGGPK
;
_entity_poly.pdbx_seq_one_letter_code_can   
;MPSEKEILDALSKVYSEQVIQADDYFRQAIFELASQLEKEGMSSLLATKIDSLINQYILTHQFDAPKSIFDLSRLVKTKA
SHYKGTAISAIMLGSFLSGGPK
;
_entity_poly.pdbx_strand_id                 A 
_entity_poly.pdbx_target_identifier         APC80158 
# 
_pdbx_entity_nonpoly.entity_id   2 
_pdbx_entity_nonpoly.name        water 
_pdbx_entity_nonpoly.comp_id     HOH 
# 
loop_
_entity_poly_seq.entity_id 
_entity_poly_seq.num 
_entity_poly_seq.mon_id 
_entity_poly_seq.hetero 
1 1   MSE n 
1 2   PRO n 
1 3   SER n 
1 4   GLU n 
1 5   LYS n 
1 6   GLU n 
1 7   ILE n 
1 8   LEU n 
1 9   ASP n 
1 10  ALA n 
1 11  LEU n 
1 12  SER n 
1 13  LYS n 
1 14  VAL n 
1 15  TYR n 
1 16  SER n 
1 17  GLU n 
1 18  GLN n 
1 19  VAL n 
1 20  ILE n 
1 21  GLN n 
1 22  ALA n 
1 23  ASP n 
1 24  ASP n 
1 25  TYR n 
1 26  PHE n 
1 27  ARG n 
1 28  GLN n 
1 29  ALA n 
1 30  ILE n 
1 31  PHE n 
1 32  GLU n 
1 33  LEU n 
1 34  ALA n 
1 35  SER n 
1 36  GLN n 
1 37  LEU n 
1 38  GLU n 
1 39  LYS n 
1 40  GLU n 
1 41  GLY n 
1 42  MSE n 
1 43  SER n 
1 44  SER n 
1 45  LEU n 
1 46  LEU n 
1 47  ALA n 
1 48  THR n 
1 49  LYS n 
1 50  ILE n 
1 51  ASP n 
1 52  SER n 
1 53  LEU n 
1 54  ILE n 
1 55  ASN n 
1 56  GLN n 
1 57  TYR n 
1 58  ILE n 
1 59  LEU n 
1 60  THR n 
1 61  HIS n 
1 62  GLN n 
1 63  PHE n 
1 64  ASP n 
1 65  ALA n 
1 66  PRO n 
1 67  LYS n 
1 68  SER n 
1 69  ILE n 
1 70  PHE n 
1 71  ASP n 
1 72  LEU n 
1 73  SER n 
1 74  ARG n 
1 75  LEU n 
1 76  VAL n 
1 77  LYS n 
1 78  THR n 
1 79  LYS n 
1 80  ALA n 
1 81  SER n 
1 82  HIS n 
1 83  TYR n 
1 84  LYS n 
1 85  GLY n 
1 86  THR n 
1 87  ALA n 
1 88  ILE n 
1 89  SER n 
1 90  ALA n 
1 91  ILE n 
1 92  MSE n 
1 93  LEU n 
1 94  GLY n 
1 95  SER n 
1 96  PHE n 
1 97  LEU n 
1 98  SER n 
1 99  GLY n 
1 100 GLY n 
1 101 PRO n 
1 102 LYS n 
# 
_entity_src_gen.entity_id                          1 
_entity_src_gen.pdbx_src_id                        1 
_entity_src_gen.pdbx_alt_source_flag               sample 
_entity_src_gen.pdbx_seq_type                      ? 
_entity_src_gen.pdbx_beg_seq_num                   ? 
_entity_src_gen.pdbx_end_seq_num                   ? 
_entity_src_gen.gene_src_common_name               ? 
_entity_src_gen.gene_src_genus                     Streptococcus 
_entity_src_gen.pdbx_gene_src_gene                 ? 
_entity_src_gen.gene_src_species                   ? 
_entity_src_gen.gene_src_strain                    ? 
_entity_src_gen.gene_src_tissue                    ? 
_entity_src_gen.gene_src_tissue_fraction           ? 
_entity_src_gen.gene_src_details                   ? 
_entity_src_gen.pdbx_gene_src_fragment             ? 
_entity_src_gen.pdbx_gene_src_scientific_name      'Streptococcus pyogenes' 
_entity_src_gen.pdbx_gene_src_ncbi_taxonomy_id     1314 
_entity_src_gen.pdbx_gene_src_variant              ? 
_entity_src_gen.pdbx_gene_src_cell_line            ? 
_entity_src_gen.pdbx_gene_src_atcc                 ? 
_entity_src_gen.pdbx_gene_src_organ                ? 
_entity_src_gen.pdbx_gene_src_organelle            ? 
_entity_src_gen.pdbx_gene_src_cell                 ? 
_entity_src_gen.pdbx_gene_src_cellular_location    ? 
_entity_src_gen.host_org_common_name               ? 
_entity_src_gen.pdbx_host_org_scientific_name      'Escherichia coli' 
_entity_src_gen.pdbx_host_org_ncbi_taxonomy_id     562 
_entity_src_gen.host_org_genus                     Escherichia 
_entity_src_gen.pdbx_host_org_gene                 ? 
_entity_src_gen.pdbx_host_org_organ                ? 
_entity_src_gen.host_org_species                   ? 
_entity_src_gen.pdbx_host_org_tissue               ? 
_entity_src_gen.pdbx_host_org_tissue_fraction      ? 
_entity_src_gen.pdbx_host_org_strain               'BL21(DE3) Derivatives' 
_entity_src_gen.pdbx_host_org_variant              ? 
_entity_src_gen.pdbx_host_org_cell_line            ? 
_entity_src_gen.pdbx_host_org_atcc                 ? 
_entity_src_gen.pdbx_host_org_culture_collection   ? 
_entity_src_gen.pdbx_host_org_cell                 ? 
_entity_src_gen.pdbx_host_org_organelle            ? 
_entity_src_gen.pdbx_host_org_cellular_location    ? 
_entity_src_gen.pdbx_host_org_vector_type          plasmid 
_entity_src_gen.pdbx_host_org_vector               ? 
_entity_src_gen.host_org_details                   ? 
_entity_src_gen.expression_system_id               ? 
_entity_src_gen.plasmid_name                       pMCSG 
_entity_src_gen.plasmid_details                    ? 
_entity_src_gen.pdbx_description                   ? 
# 
loop_
_chem_comp.id 
_chem_comp.type 
_chem_comp.mon_nstd_flag 
_chem_comp.name 
_chem_comp.pdbx_synonyms 
_chem_comp.formula 
_chem_comp.formula_weight 
ALA 'L-peptide linking' y ALANINE          ? 'C3 H7 N O2'     89.093  
ARG 'L-peptide linking' y ARGININE         ? 'C6 H15 N4 O2 1' 175.209 
ASN 'L-peptide linking' y ASPARAGINE       ? 'C4 H8 N2 O3'    132.118 
ASP 'L-peptide linking' y 'ASPARTIC ACID'  ? 'C4 H7 N O4'     133.103 
GLN 'L-peptide linking' y GLUTAMINE        ? 'C5 H10 N2 O3'   146.144 
GLU 'L-peptide linking' y 'GLUTAMIC ACID'  ? 'C5 H9 N O4'     147.129 
GLY 'peptide linking'   y GLYCINE          ? 'C2 H5 N O2'     75.067  
HIS 'L-peptide linking' y HISTIDINE        ? 'C6 H10 N3 O2 1' 156.162 
HOH non-polymer         . WATER            ? 'H2 O'           18.015  
ILE 'L-peptide linking' y ISOLEUCINE       ? 'C6 H13 N O2'    131.173 
LEU 'L-peptide linking' y LEUCINE          ? 'C6 H13 N O2'    131.173 
LYS 'L-peptide linking' y LYSINE           ? 'C6 H15 N2 O2 1' 147.195 
MET 'L-peptide linking' y METHIONINE       ? 'C5 H11 N O2 S'  149.211 
MSE 'L-peptide linking' n SELENOMETHIONINE ? 'C5 H11 N O2 Se' 196.106 
PHE 'L-peptide linking' y PHENYLALANINE    ? 'C9 H11 N O2'    165.189 
PRO 'L-peptide linking' y PROLINE          ? 'C5 H9 N O2'     115.130 
SER 'L-peptide linking' y SERINE           ? 'C3 H7 N O3'     105.093 
THR 'L-peptide linking' y THREONINE        ? 'C4 H9 N O3'     119.119 
TYR 'L-peptide linking' y TYROSINE         ? 'C9 H11 N O3'    181.189 
VAL 'L-peptide linking' y VALINE           ? 'C5 H11 N O2'    117.146 
# 
loop_
_pdbx_poly_seq_scheme.asym_id 
_pdbx_poly_seq_scheme.entity_id 
_pdbx_poly_seq_scheme.seq_id 
_pdbx_poly_seq_scheme.mon_id 
_pdbx_poly_seq_scheme.ndb_seq_num 
_pdbx_poly_seq_scheme.pdb_seq_num 
_pdbx_poly_seq_scheme.auth_seq_num 
_pdbx_poly_seq_scheme.pdb_mon_id 
_pdbx_poly_seq_scheme.auth_mon_id 
_pdbx_poly_seq_scheme.pdb_strand_id 
_pdbx_poly_seq_scheme.pdb_ins_code 
_pdbx_poly_seq_scheme.hetero 
A 1 1   MSE 1   1   ?  ?   ?   A . n 
A 1 2   PRO 2   2   2  PRO PRO A . n 
A 1 3   SER 3   3   3  SER SER A . n 
A 1 4   GLU 4   4   4  GLU GLU A . n 
A 1 5   LYS 5   5   5  LYS LYS A . n 
A 1 6   GLU 6   6   6  GLU GLU A . n 
A 1 7   ILE 7   7   7  ILE ILE A . n 
A 1 8   LEU 8   8   8  LEU LEU A . n 
A 1 9   ASP 9   9   9  ASP ASP A . n 
A 1 10  ALA 10  10  10 ALA ALA A . n 
A 1 11  LEU 11  11  11 LEU LEU A . n 
A 1 12  SER 12  12  12 SER SER A . n 
A 1 13  LYS 13  13  13 LYS LYS A . n 
A 1 14  VAL 14  14  14 VAL VAL A . n 
A 1 15  TYR 15  15  15 TYR TYR A . n 
A 1 16  SER 16  16  16 SER SER A . n 
A 1 17  GLU 17  17  17 GLU GLU A . n 
A 1 18  GLN 18  18  18 GLN GLN A . n 
A 1 19  VAL 19  19  19 VAL VAL A . n 
A 1 20  ILE 20  20  20 ILE ILE A . n 
A 1 21  GLN 21  21  21 GLN GLN A . n 
A 1 22  ALA 22  22  22 ALA ALA A . n 
A 1 23  ASP 23  23  23 ASP ASP A . n 
A 1 24  ASP 24  24  24 ASP ASP A . n 
A 1 25  TYR 25  25  25 TYR TYR A . n 
A 1 26  PHE 26  26  26 PHE PHE A . n 
A 1 27  ARG 27  27  27 ARG ARG A . n 
A 1 28  GLN 28  28  28 GLN GLN A . n 
A 1 29  ALA 29  29  29 ALA ALA A . n 
A 1 30  ILE 30  30  30 ILE ILE A . n 
A 1 31  PHE 31  31  31 PHE PHE A . n 
A 1 32  GLU 32  32  32 GLU GLU A . n 
A 1 33  LEU 33  33  33 LEU LEU A . n 
A 1 34  ALA 34  34  34 ALA ALA A . n 
A 1 35  SER 35  35  35 SER SER A . n 
A 1 36  GLN 36  36  36 GLN GLN A . n 
A 1 37  LEU 37  37  37 LEU LEU A . n 
A 1 38  GLU 38  38  38 GLU GLU A . n 
A 1 39  LYS 39  39  39 LYS LYS A . n 
A 1 40  GLU 40  40  40 GLU GLU A . n 
A 1 41  GLY 41  41  41 GLY GLY A . n 
A 1 42  MSE 42  42  42 MSE MSE A . n 
A 1 43  SER 43  43  43 SER SER A . n 
A 1 44  SER 44  44  44 SER SER A . n 
A 1 45  LEU 45  45  45 LEU LEU A . n 
A 1 46  LEU 46  46  46 LEU LEU A . n 
A 1 47  ALA 47  47  47 ALA ALA A . n 
A 1 48  THR 48  48  48 THR THR A . n 
A 1 49  LYS 49  49  49 LYS LYS A . n 
A 1 50  ILE 50  50  50 ILE ILE A . n 
A 1 51  ASP 51  51  51 ASP ASP A . n 
A 1 52  SER 52  52  52 SER SER A . n 
A 1 53  LEU 53  53  53 LEU LEU A . n 
A 1 54  ILE 54  54  54 ILE ILE A . n 
A 1 55  ASN 55  55  55 ASN ASN A . n 
A 1 56  GLN 56  56  56 GLN GLN A . n 
A 1 57  TYR 57  57  57 TYR TYR A . n 
A 1 58  ILE 58  58  58 ILE ILE A . n 
A 1 59  LEU 59  59  59 LEU LEU A . n 
A 1 60  THR 60  60  60 THR THR A . n 
A 1 61  HIS 61  61  61 HIS HIS A . n 
A 1 62  GLN 62  62  62 GLN GLN A . n 
A 1 63  PHE 63  63  63 PHE PHE A . n 
A 1 64  ASP 64  64  64 ASP ASP A . n 
A 1 65  ALA 65  65  65 ALA ALA A . n 
A 1 66  PRO 66  66  66 PRO PRO A . n 
A 1 67  LYS 67  67  67 LYS LYS A . n 
A 1 68  SER 68  68  68 SER SER A . n 
A 1 69  ILE 69  69  69 ILE ILE A . n 
A 1 70  PHE 70  70  70 PHE PHE A . n 
A 1 71  ASP 71  71  71 ASP ASP A . n 
A 1 72  LEU 72  72  72 LEU LEU A . n 
A 1 73  SER 73  73  73 SER SER A . n 
A 1 74  ARG 74  74  74 ARG ARG A . n 
A 1 75  LEU 75  75  75 LEU LEU A . n 
A 1 76  VAL 76  76  76 VAL VAL A . n 
A 1 77  LYS 77  77  77 LYS LYS A . n 
A 1 78  THR 78  78  78 THR THR A . n 
A 1 79  LYS 79  79  79 LYS LYS A . n 
A 1 80  ALA 80  80  ?  ?   ?   A . n 
A 1 81  SER 81  81  ?  ?   ?   A . n 
A 1 82  HIS 82  82  ?  ?   ?   A . n 
A 1 83  TYR 83  83  ?  ?   ?   A . n 
A 1 84  LYS 84  84  ?  ?   ?   A . n 
A 1 85  GLY 85  85  ?  ?   ?   A . n 
A 1 86  THR 86  86  ?  ?   ?   A . n 
A 1 87  ALA 87  87  ?  ?   ?   A . n 
A 1 88  ILE 88  88  ?  ?   ?   A . n 
A 1 89  SER 89  89  ?  ?   ?   A . n 
A 1 90  ALA 90  90  ?  ?   ?   A . n 
A 1 91  ILE 91  91  ?  ?   ?   A . n 
A 1 92  MSE 92  92  ?  ?   ?   A . n 
A 1 93  LEU 93  93  ?  ?   ?   A . n 
A 1 94  GLY 94  94  ?  ?   ?   A . n 
A 1 95  SER 95  95  ?  ?   ?   A . n 
A 1 96  PHE 96  96  ?  ?   ?   A . n 
A 1 97  LEU 97  97  ?  ?   ?   A . n 
A 1 98  SER 98  98  ?  ?   ?   A . n 
A 1 99  GLY 99  99  ?  ?   ?   A . n 
A 1 100 GLY 100 100 ?  ?   ?   A . n 
A 1 101 PRO 101 101 ?  ?   ?   A . n 
A 1 102 LYS 102 102 ?  ?   ?   A . n 
# 
loop_
_pdbx_nonpoly_scheme.asym_id 
_pdbx_nonpoly_scheme.entity_id 
_pdbx_nonpoly_scheme.mon_id 
_pdbx_nonpoly_scheme.ndb_seq_num 
_pdbx_nonpoly_scheme.pdb_seq_num 
_pdbx_nonpoly_scheme.auth_seq_num 
_pdbx_nonpoly_scheme.pdb_mon_id 
_pdbx_nonpoly_scheme.auth_mon_id 
_pdbx_nonpoly_scheme.pdb_strand_id 
_pdbx_nonpoly_scheme.pdb_ins_code 
B 2 HOH 1  103 1  HOH HOH A . 
B 2 HOH 2  104 2  HOH HOH A . 
B 2 HOH 3  105 4  HOH HOH A . 
B 2 HOH 4  106 5  HOH HOH A . 
B 2 HOH 5  107 6  HOH HOH A . 
B 2 HOH 6  108 7  HOH HOH A . 
B 2 HOH 7  109 8  HOH HOH A . 
B 2 HOH 8  110 9  HOH HOH A . 
B 2 HOH 9  111 10 HOH HOH A . 
B 2 HOH 10 112 11 HOH HOH A . 
B 2 HOH 11 113 12 HOH HOH A . 
B 2 HOH 12 114 13 HOH HOH A . 
B 2 HOH 13 115 14 HOH HOH A . 
B 2 HOH 14 116 15 HOH HOH A . 
B 2 HOH 15 117 16 HOH HOH A . 
B 2 HOH 16 118 17 HOH HOH A . 
B 2 HOH 17 119 18 HOH HOH A . 
B 2 HOH 18 120 19 HOH HOH A . 
B 2 HOH 19 121 20 HOH HOH A . 
B 2 HOH 20 122 22 HOH HOH A . 
B 2 HOH 21 123 23 HOH HOH A . 
B 2 HOH 22 124 24 HOH HOH A . 
B 2 HOH 23 125 25 HOH HOH A . 
B 2 HOH 24 126 27 HOH HOH A . 
B 2 HOH 25 127 28 HOH HOH A . 
B 2 HOH 26 128 29 HOH HOH A . 
B 2 HOH 27 129 30 HOH HOH A . 
B 2 HOH 28 130 31 HOH HOH A . 
B 2 HOH 29 131 32 HOH HOH A . 
B 2 HOH 30 132 33 HOH HOH A . 
B 2 HOH 31 133 34 HOH HOH A . 
B 2 HOH 32 134 35 HOH HOH A . 
B 2 HOH 33 135 36 HOH HOH A . 
B 2 HOH 34 136 37 HOH HOH A . 
B 2 HOH 35 137 38 HOH HOH A . 
B 2 HOH 36 138 39 HOH HOH A . 
B 2 HOH 37 139 40 HOH HOH A . 
B 2 HOH 38 140 41 HOH HOH A . 
B 2 HOH 39 141 42 HOH HOH A . 
B 2 HOH 40 142 43 HOH HOH A . 
B 2 HOH 41 143 44 HOH HOH A . 
B 2 HOH 42 144 45 HOH HOH A . 
B 2 HOH 43 145 46 HOH HOH A . 
B 2 HOH 44 146 47 HOH HOH A . 
B 2 HOH 45 147 48 HOH HOH A . 
B 2 HOH 46 148 49 HOH HOH A . 
B 2 HOH 47 149 51 HOH HOH A . 
B 2 HOH 48 150 52 HOH HOH A . 
B 2 HOH 49 151 53 HOH HOH A . 
B 2 HOH 50 152 54 HOH HOH A . 
B 2 HOH 51 153 55 HOH HOH A . 
B 2 HOH 52 154 56 HOH HOH A . 
B 2 HOH 53 155 58 HOH HOH A . 
B 2 HOH 54 156 59 HOH HOH A . 
B 2 HOH 55 157 61 HOH HOH A . 
B 2 HOH 56 158 62 HOH HOH A . 
B 2 HOH 57 159 63 HOH HOH A . 
B 2 HOH 58 160 64 HOH HOH A . 
B 2 HOH 59 161 65 HOH HOH A . 
B 2 HOH 60 162 67 HOH HOH A . 
B 2 HOH 61 163 68 HOH HOH A . 
B 2 HOH 62 164 69 HOH HOH A . 
B 2 HOH 63 165 70 HOH HOH A . 
B 2 HOH 64 166 71 HOH HOH A . 
B 2 HOH 65 167 72 HOH HOH A . 
B 2 HOH 66 168 73 HOH HOH A . 
B 2 HOH 67 169 74 HOH HOH A . 
# 
loop_
_software.name 
_software.classification 
_software.version 
_software.citation_id 
_software.pdbx_ordinal 
REFMAC    refinement       5.2.0005 ? 1 
HKL-2000  'data reduction' .        ? 2 
SCALEPACK 'data scaling'   .        ? 3 
HKL-3000  phasing          .        ? 4 
SHELXE    'model building' .        ? 5 
SOLVE     phasing          .        ? 6 
RESOLVE   phasing          .        ? 7 
ARP/wARP  'model building' .        ? 8 
# 
_cell.entry_id           2FU2 
_cell.length_a           76.087 
_cell.length_b           30.280 
_cell.length_c           35.855 
_cell.angle_alpha        90.00 
_cell.angle_beta         113.26 
_cell.angle_gamma        90.00 
_cell.Z_PDB              4 
_cell.pdbx_unique_axis   ? 
_cell.length_a_esd       ? 
_cell.length_b_esd       ? 
_cell.length_c_esd       ? 
_cell.angle_alpha_esd    ? 
_cell.angle_beta_esd     ? 
_cell.angle_gamma_esd    ? 
# 
_symmetry.entry_id                         2FU2 
_symmetry.space_group_name_H-M             'C 1 2 1' 
_symmetry.pdbx_full_space_group_name_H-M   ? 
_symmetry.cell_setting                     ? 
_symmetry.Int_Tables_number                5 
_symmetry.space_group_name_Hall            ? 
# 
_exptl.entry_id          2FU2 
_exptl.method            'X-RAY DIFFRACTION' 
_exptl.crystals_number   1 
# 
_exptl_crystal.id                    1 
_exptl_crystal.density_meas          ? 
_exptl_crystal.density_Matthews      1.65 
_exptl_crystal.density_percent_sol   25.63 
_exptl_crystal.description           ? 
_exptl_crystal.F_000                 ? 
_exptl_crystal.preparation           ? 
# 
_exptl_crystal_grow.crystal_id      1 
_exptl_crystal_grow.method          'VAPOR DIFFUSION, SITTING DROP' 
_exptl_crystal_grow.temp            290 
_exptl_crystal_grow.temp_details    ? 
_exptl_crystal_grow.pH              6.0 
_exptl_crystal_grow.pdbx_details    
;20 % PEG 8000,  
Mes pH 6.0,  
Ca(OAc)2 
, VAPOR DIFFUSION, SITTING DROP, temperature 290K
;
_exptl_crystal_grow.pdbx_pH_range   . 
# 
_diffrn.id                     1 
_diffrn.ambient_temp           100 
_diffrn.ambient_temp_details   ? 
_diffrn.crystal_id             1 
# 
_diffrn_detector.diffrn_id              1 
_diffrn_detector.detector               CCD 
_diffrn_detector.type                   'ADSC QUANTUM 315' 
_diffrn_detector.pdbx_collection_date   2005-03-28 
_diffrn_detector.details                ? 
# 
_diffrn_radiation.diffrn_id                        1 
_diffrn_radiation.wavelength_id                    1 
_diffrn_radiation.pdbx_monochromatic_or_laue_m_l   M 
_diffrn_radiation.monochromator                    'double crystal' 
_diffrn_radiation.pdbx_diffrn_protocol             'SINGLE WAVELENGTH' 
_diffrn_radiation.pdbx_scattering_type             x-ray 
# 
_diffrn_radiation_wavelength.id           1 
_diffrn_radiation_wavelength.wavelength   0.97907 
_diffrn_radiation_wavelength.wt           1.0 
# 
_diffrn_source.diffrn_id                   1 
_diffrn_source.source                      SYNCHROTRON 
_diffrn_source.type                        'APS BEAMLINE 19-ID' 
_diffrn_source.pdbx_synchrotron_site       APS 
_diffrn_source.pdbx_synchrotron_beamline   19-ID 
_diffrn_source.pdbx_wavelength             ? 
_diffrn_source.pdbx_wavelength_list        0.97907 
# 
_reflns.entry_id                     2FU2 
_reflns.observed_criterion_sigma_I   -3 
_reflns.observed_criterion_sigma_F   ? 
_reflns.d_resolution_low             50 
_reflns.d_resolution_high            2.01 
_reflns.number_obs                   4682 
_reflns.number_all                   5139 
_reflns.percent_possible_obs         91.1 
_reflns.pdbx_Rmerge_I_obs            0.087 
_reflns.pdbx_Rsym_value              ? 
_reflns.pdbx_netI_over_sigmaI        30.26 
_reflns.B_iso_Wilson_estimate        ? 
_reflns.pdbx_redundancy              6.6 
_reflns.R_free_details               ? 
_reflns.limit_h_max                  ? 
_reflns.limit_h_min                  ? 
_reflns.limit_k_max                  ? 
_reflns.limit_k_min                  ? 
_reflns.limit_l_max                  ? 
_reflns.limit_l_min                  ? 
_reflns.observed_criterion_F_max     ? 
_reflns.observed_criterion_F_min     ? 
_reflns.pdbx_chi_squared             ? 
_reflns.pdbx_scaling_rejects         ? 
_reflns.pdbx_ordinal                 1 
_reflns.pdbx_diffrn_id               1 
# 
_reflns_shell.d_res_high             2.01 
_reflns_shell.d_res_low              2.03 
_reflns_shell.percent_possible_all   58.6 
_reflns_shell.Rmerge_I_obs           0.283 
_reflns_shell.pdbx_Rsym_value        ? 
_reflns_shell.meanI_over_sigI_obs    3.62 
_reflns_shell.pdbx_redundancy        4.1 
_reflns_shell.percent_possible_obs   ? 
_reflns_shell.number_unique_all      75 
_reflns_shell.number_measured_all    ? 
_reflns_shell.number_measured_obs    ? 
_reflns_shell.number_unique_obs      ? 
_reflns_shell.pdbx_chi_squared       ? 
_reflns_shell.pdbx_ordinal           1 
_reflns_shell.pdbx_diffrn_id         1 
# 
_refine.entry_id                                 2FU2 
_refine.ls_number_reflns_obs                     3855 
_refine.ls_number_reflns_all                     3855 
_refine.pdbx_ls_sigma_I                          ? 
_refine.pdbx_ls_sigma_F                          0 
_refine.pdbx_data_cutoff_high_absF               ? 
_refine.pdbx_data_cutoff_low_absF                ? 
_refine.pdbx_data_cutoff_high_rms_absF           ? 
_refine.ls_d_res_low                             34.94 
_refine.ls_d_res_high                            2.15 
_refine.ls_percent_reflns_obs                    96.05 
_refine.ls_R_factor_obs                          0.16111 
_refine.ls_R_factor_all                          0.1611 
_refine.ls_R_factor_R_work                       0.15732 
_refine.ls_R_factor_R_free                       0.25389 
_refine.ls_R_factor_R_free_error                 ? 
_refine.ls_R_factor_R_free_error_details         ? 
_refine.ls_percent_reflns_R_free                 4.6 
_refine.ls_number_reflns_R_free                  185 
_refine.ls_number_parameters                     ? 
_refine.ls_number_restraints                     ? 
_refine.occupancy_min                            ? 
_refine.occupancy_max                            ? 
_refine.correlation_coeff_Fo_to_Fc               0.969 
_refine.correlation_coeff_Fo_to_Fc_free          0.909 
_refine.B_iso_mean                               35.876 
_refine.aniso_B[1][1]                            3.81 
_refine.aniso_B[2][2]                            -2.12 
_refine.aniso_B[3][3]                            -1.83 
_refine.aniso_B[1][2]                            0.00 
_refine.aniso_B[1][3]                            -0.16 
_refine.aniso_B[2][3]                            0.00 
_refine.solvent_model_details                    MASK 
_refine.solvent_model_param_ksol                 ? 
_refine.solvent_model_param_bsol                 ? 
_refine.pdbx_solvent_vdw_probe_radii             1.20 
_refine.pdbx_solvent_ion_probe_radii             0.80 
_refine.pdbx_solvent_shrinkage_radii             0.80 
_refine.pdbx_ls_cross_valid_method               THROUGHOUT 
_refine.details                                  'HYDROGENS HAVE BEEN ADDED IN THE RIDING POSITIONS' 
_refine.pdbx_starting_model                      ? 
_refine.pdbx_method_to_determine_struct          SAD 
_refine.pdbx_isotropic_thermal_model             ? 
_refine.pdbx_stereochemistry_target_values       'MAXIMUM LIKELIHOOD' 
_refine.pdbx_stereochem_target_val_spec_case     ? 
_refine.pdbx_R_Free_selection_details            RANDOM 
_refine.pdbx_overall_ESU_R                       0.279 
_refine.pdbx_overall_ESU_R_Free                  0.239 
_refine.overall_SU_ML                            0.150 
_refine.overall_SU_B                             12.189 
_refine.ls_redundancy_reflns_obs                 ? 
_refine.B_iso_min                                ? 
_refine.B_iso_max                                ? 
_refine.overall_SU_R_Cruickshank_DPI             ? 
_refine.overall_SU_R_free                        ? 
_refine.ls_wR_factor_R_free                      ? 
_refine.ls_wR_factor_R_work                      ? 
_refine.overall_FOM_free_R_set                   ? 
_refine.overall_FOM_work_R_set                   ? 
_refine.pdbx_refine_id                           'X-RAY DIFFRACTION' 
_refine.pdbx_TLS_residual_ADP_flag               'LIKELY RESIDUAL' 
_refine.pdbx_diffrn_id                           1 
_refine.pdbx_overall_phase_error                 ? 
_refine.pdbx_overall_SU_R_free_Cruickshank_DPI   ? 
_refine.pdbx_overall_SU_R_Blow_DPI               ? 
_refine.pdbx_overall_SU_R_free_Blow_DPI          ? 
# 
_refine_hist.pdbx_refine_id                   'X-RAY DIFFRACTION' 
_refine_hist.cycle_id                         LAST 
_refine_hist.pdbx_number_atoms_protein        627 
_refine_hist.pdbx_number_atoms_nucleic_acid   0 
_refine_hist.pdbx_number_atoms_ligand         0 
_refine_hist.number_atoms_solvent             67 
_refine_hist.number_atoms_total               694 
_refine_hist.d_res_high                       2.15 
_refine_hist.d_res_low                        34.94 
# 
loop_
_refine_ls_restr.type 
_refine_ls_restr.dev_ideal 
_refine_ls_restr.dev_ideal_target 
_refine_ls_restr.weight 
_refine_ls_restr.number 
_refine_ls_restr.pdbx_refine_id 
_refine_ls_restr.pdbx_restraint_function 
r_bond_refined_d             0.026  0.022  ? 636 'X-RAY DIFFRACTION' ? 
r_bond_other_d               ?      ?      ? ?   'X-RAY DIFFRACTION' ? 
r_angle_refined_deg          1.813  1.980  ? 855 'X-RAY DIFFRACTION' ? 
r_angle_other_deg            ?      ?      ? ?   'X-RAY DIFFRACTION' ? 
r_dihedral_angle_1_deg       6.349  5.000  ? 77  'X-RAY DIFFRACTION' ? 
r_dihedral_angle_2_deg       30.803 25.862 ? 29  'X-RAY DIFFRACTION' ? 
r_dihedral_angle_3_deg       16.810 15.000 ? 125 'X-RAY DIFFRACTION' ? 
r_dihedral_angle_4_deg       14.406 15.000 ? 2   'X-RAY DIFFRACTION' ? 
r_chiral_restr               0.102  0.200  ? 100 'X-RAY DIFFRACTION' ? 
r_gen_planes_refined         0.007  0.020  ? 456 'X-RAY DIFFRACTION' ? 
r_gen_planes_other           ?      ?      ? ?   'X-RAY DIFFRACTION' ? 
r_nbd_refined                0.235  0.200  ? 326 'X-RAY DIFFRACTION' ? 
r_nbd_other                  ?      ?      ? ?   'X-RAY DIFFRACTION' ? 
r_nbtor_refined              0.319  0.200  ? 454 'X-RAY DIFFRACTION' ? 
r_nbtor_other                ?      ?      ? ?   'X-RAY DIFFRACTION' ? 
r_xyhbond_nbd_refined        0.221  0.200  ? 49  'X-RAY DIFFRACTION' ? 
r_xyhbond_nbd_other          ?      ?      ? ?   'X-RAY DIFFRACTION' ? 
r_metal_ion_refined          ?      ?      ? ?   'X-RAY DIFFRACTION' ? 
r_metal_ion_other            ?      ?      ? ?   'X-RAY DIFFRACTION' ? 
r_symmetry_vdw_refined       0.330  0.200  ? 27  'X-RAY DIFFRACTION' ? 
r_symmetry_vdw_other         ?      ?      ? ?   'X-RAY DIFFRACTION' ? 
r_symmetry_hbond_refined     0.272  0.200  ? 17  'X-RAY DIFFRACTION' ? 
r_symmetry_hbond_other       ?      ?      ? ?   'X-RAY DIFFRACTION' ? 
r_symmetry_metal_ion_refined ?      ?      ? ?   'X-RAY DIFFRACTION' ? 
r_symmetry_metal_ion_other   ?      ?      ? ?   'X-RAY DIFFRACTION' ? 
r_mcbond_it                  0.950  1.500  ? 410 'X-RAY DIFFRACTION' ? 
r_mcbond_other               ?      ?      ? ?   'X-RAY DIFFRACTION' ? 
r_mcangle_it                 1.538  2.000  ? 630 'X-RAY DIFFRACTION' ? 
r_scbond_it                  2.888  3.000  ? 262 'X-RAY DIFFRACTION' ? 
r_scangle_it                 4.323  4.500  ? 225 'X-RAY DIFFRACTION' ? 
r_rigid_bond_restr           ?      ?      ? ?   'X-RAY DIFFRACTION' ? 
r_sphericity_free            ?      ?      ? ?   'X-RAY DIFFRACTION' ? 
r_sphericity_bonded          ?      ?      ? ?   'X-RAY DIFFRACTION' ? 
# 
_refine_ls_shell.pdbx_total_number_of_bins_used   20 
_refine_ls_shell.d_res_high                       2.15 
_refine_ls_shell.d_res_low                        2.207 
_refine_ls_shell.number_reflns_R_work             230 
_refine_ls_shell.R_factor_R_work                  0.187 
_refine_ls_shell.percent_reflns_obs               81.00 
_refine_ls_shell.R_factor_R_free                  0.167 
_refine_ls_shell.R_factor_R_free_error            ? 
_refine_ls_shell.percent_reflns_R_free            ? 
_refine_ls_shell.number_reflns_R_free             13 
_refine_ls_shell.number_reflns_all                ? 
_refine_ls_shell.R_factor_all                     ? 
_refine_ls_shell.number_reflns_obs                ? 
_refine_ls_shell.redundancy_reflns_obs            ? 
_refine_ls_shell.pdbx_refine_id                   'X-RAY DIFFRACTION' 
# 
_struct.entry_id                  2FU2 
_struct.title                     'Crystal structure of protein SPy2152 from Streptococcus pyogenes' 
_struct.pdbx_model_details        ? 
_struct.pdbx_CASP_flag            ? 
_struct.pdbx_model_type_details   ? 
# 
_struct_keywords.entry_id        2FU2 
_struct_keywords.pdbx_keywords   'STRUCTURAL GENOMICS, UNKNOWN FUNCTION' 
_struct_keywords.text            
'Structural Genomics, PSI, Protein Structure Initiative, Midwest Center for Structural Genomics, MCSG, UNKNOWN FUNCTION' 
# 
loop_
_struct_asym.id 
_struct_asym.pdbx_blank_PDB_chainid_flag 
_struct_asym.pdbx_modified 
_struct_asym.entity_id 
_struct_asym.details 
A N N 1 ? 
B N N 2 ? 
# 
_struct_ref.id                         1 
_struct_ref.db_name                    UNP 
_struct_ref.db_code                    Q99XL4_STRP1 
_struct_ref.pdbx_db_accession          Q99XL4 
_struct_ref.entity_id                  1 
_struct_ref.pdbx_seq_one_letter_code   
;MPSEKEILDALSKVYSEQVIQADDYFRQAIFELASQLEKEGMSSLLATKIDSLINQYILTHQFDAPKSIFDLSRLVKTKA
SHYKGTAISAIMLGSFLSGGPK
;
_struct_ref.pdbx_align_begin           1 
_struct_ref.pdbx_db_isoform            ? 
# 
_struct_ref_seq.align_id                      1 
_struct_ref_seq.ref_id                        1 
_struct_ref_seq.pdbx_PDB_id_code              2FU2 
_struct_ref_seq.pdbx_strand_id                A 
_struct_ref_seq.seq_align_beg                 1 
_struct_ref_seq.pdbx_seq_align_beg_ins_code   ? 
_struct_ref_seq.seq_align_end                 102 
_struct_ref_seq.pdbx_seq_align_end_ins_code   ? 
_struct_ref_seq.pdbx_db_accession             Q99XL4 
_struct_ref_seq.db_align_beg                  1 
_struct_ref_seq.pdbx_db_align_beg_ins_code    ? 
_struct_ref_seq.db_align_end                  102 
_struct_ref_seq.pdbx_db_align_end_ins_code    ? 
_struct_ref_seq.pdbx_auth_seq_align_beg       1 
_struct_ref_seq.pdbx_auth_seq_align_end       102 
# 
loop_
_struct_ref_seq_dif.align_id 
_struct_ref_seq_dif.pdbx_pdb_id_code 
_struct_ref_seq_dif.mon_id 
_struct_ref_seq_dif.pdbx_pdb_strand_id 
_struct_ref_seq_dif.seq_num 
_struct_ref_seq_dif.pdbx_pdb_ins_code 
_struct_ref_seq_dif.pdbx_seq_db_name 
_struct_ref_seq_dif.pdbx_seq_db_accession_code 
_struct_ref_seq_dif.db_mon_id 
_struct_ref_seq_dif.pdbx_seq_db_seq_num 
_struct_ref_seq_dif.details 
_struct_ref_seq_dif.pdbx_auth_seq_num 
_struct_ref_seq_dif.pdbx_ordinal 
1 2FU2 MSE A 1  ? UNP Q99XL4 MET 1  'modified residue' 1  1 
1 2FU2 MSE A 42 ? UNP Q99XL4 MET 42 'modified residue' 42 2 
1 2FU2 MSE A 92 ? UNP Q99XL4 MET 92 'modified residue' 92 3 
# 
_pdbx_struct_assembly.id                   1 
_pdbx_struct_assembly.details              author_defined_assembly 
_pdbx_struct_assembly.method_details       ? 
_pdbx_struct_assembly.oligomeric_details   monomeric 
_pdbx_struct_assembly.oligomeric_count     1 
# 
_pdbx_struct_assembly_gen.assembly_id       1 
_pdbx_struct_assembly_gen.oper_expression   1 
_pdbx_struct_assembly_gen.asym_id_list      A,B 
# 
_pdbx_struct_oper_list.id                   1 
_pdbx_struct_oper_list.type                 'identity operation' 
_pdbx_struct_oper_list.name                 1_555 
_pdbx_struct_oper_list.symmetry_operation   x,y,z 
_pdbx_struct_oper_list.matrix[1][1]         1.0000000000 
_pdbx_struct_oper_list.matrix[1][2]         0.0000000000 
_pdbx_struct_oper_list.matrix[1][3]         0.0000000000 
_pdbx_struct_oper_list.vector[1]            0.0000000000 
_pdbx_struct_oper_list.matrix[2][1]         0.0000000000 
_pdbx_struct_oper_list.matrix[2][2]         1.0000000000 
_pdbx_struct_oper_list.matrix[2][3]         0.0000000000 
_pdbx_struct_oper_list.vector[2]            0.0000000000 
_pdbx_struct_oper_list.matrix[3][1]         0.0000000000 
_pdbx_struct_oper_list.matrix[3][2]         0.0000000000 
_pdbx_struct_oper_list.matrix[3][3]         1.0000000000 
_pdbx_struct_oper_list.vector[3]            0.0000000000 
# 
_struct_biol.id   1 
# 
loop_
_struct_conf.conf_type_id 
_struct_conf.id 
_struct_conf.pdbx_PDB_helix_id 
_struct_conf.beg_label_comp_id 
_struct_conf.beg_label_asym_id 
_struct_conf.beg_label_seq_id 
_struct_conf.pdbx_beg_PDB_ins_code 
_struct_conf.end_label_comp_id 
_struct_conf.end_label_asym_id 
_struct_conf.end_label_seq_id 
_struct_conf.pdbx_end_PDB_ins_code 
_struct_conf.beg_auth_comp_id 
_struct_conf.beg_auth_asym_id 
_struct_conf.beg_auth_seq_id 
_struct_conf.end_auth_comp_id 
_struct_conf.end_auth_asym_id 
_struct_conf.end_auth_seq_id 
_struct_conf.pdbx_PDB_helix_class 
_struct_conf.details 
_struct_conf.pdbx_PDB_helix_length 
HELX_P HELX_P1 1 SER A 3  ? SER A 16 ? SER A 3  SER A 16 1 ? 14 
HELX_P HELX_P2 2 GLU A 17 ? ALA A 22 ? GLU A 17 ALA A 22 1 ? 6  
HELX_P HELX_P3 3 ASP A 23 ? GLY A 41 ? ASP A 23 GLY A 41 1 ? 19 
HELX_P HELX_P4 4 SER A 43 ? HIS A 61 ? SER A 43 HIS A 61 1 ? 19 
HELX_P HELX_P5 5 PRO A 66 ? LYS A 79 ? PRO A 66 LYS A 79 1 ? 14 
# 
_struct_conf_type.id          HELX_P 
_struct_conf_type.criteria    ? 
_struct_conf_type.reference   ? 
# 
loop_
_struct_conn.id 
_struct_conn.conn_type_id 
_struct_conn.pdbx_leaving_atom_flag 
_struct_conn.pdbx_PDB_id 
_struct_conn.ptnr1_label_asym_id 
_struct_conn.ptnr1_label_comp_id 
_struct_conn.ptnr1_label_seq_id 
_struct_conn.ptnr1_label_atom_id 
_struct_conn.pdbx_ptnr1_label_alt_id 
_struct_conn.pdbx_ptnr1_PDB_ins_code 
_struct_conn.pdbx_ptnr1_standard_comp_id 
_struct_conn.ptnr1_symmetry 
_struct_conn.ptnr2_label_asym_id 
_struct_conn.ptnr2_label_comp_id 
_struct_conn.ptnr2_label_seq_id 
_struct_conn.ptnr2_label_atom_id 
_struct_conn.pdbx_ptnr2_label_alt_id 
_struct_conn.pdbx_ptnr2_PDB_ins_code 
_struct_conn.ptnr1_auth_asym_id 
_struct_conn.ptnr1_auth_comp_id 
_struct_conn.ptnr1_auth_seq_id 
_struct_conn.ptnr2_auth_asym_id 
_struct_conn.ptnr2_auth_comp_id 
_struct_conn.ptnr2_auth_seq_id 
_struct_conn.ptnr2_symmetry 
_struct_conn.pdbx_ptnr3_label_atom_id 
_struct_conn.pdbx_ptnr3_label_seq_id 
_struct_conn.pdbx_ptnr3_label_comp_id 
_struct_conn.pdbx_ptnr3_label_asym_id 
_struct_conn.pdbx_ptnr3_label_alt_id 
_struct_conn.pdbx_ptnr3_PDB_ins_code 
_struct_conn.details 
_struct_conn.pdbx_dist_value 
_struct_conn.pdbx_value_order 
_struct_conn.pdbx_role 
covale1 covale both ? A GLY 41 C ? ? ? 1_555 A MSE 42 N ? ? A GLY 41 A MSE 42 1_555 ? ? ? ? ? ? ? 1.330 ? ? 
covale2 covale both ? A MSE 42 C ? ? ? 1_555 A SER 43 N ? ? A MSE 42 A SER 43 1_555 ? ? ? ? ? ? ? 1.308 ? ? 
# 
_struct_conn_type.id          covale 
_struct_conn_type.criteria    ? 
_struct_conn_type.reference   ? 
# 
_pdbx_modification_feature.ordinal                            1 
_pdbx_modification_feature.label_comp_id                      MSE 
_pdbx_modification_feature.label_asym_id                      A 
_pdbx_modification_feature.label_seq_id                       42 
_pdbx_modification_feature.label_alt_id                       ? 
_pdbx_modification_feature.modified_residue_label_comp_id     . 
_pdbx_modification_feature.modified_residue_label_asym_id     . 
_pdbx_modification_feature.modified_residue_label_seq_id      . 
_pdbx_modification_feature.modified_residue_label_alt_id      . 
_pdbx_modification_feature.auth_comp_id                       MSE 
_pdbx_modification_feature.auth_asym_id                       A 
_pdbx_modification_feature.auth_seq_id                        42 
_pdbx_modification_feature.PDB_ins_code                       ? 
_pdbx_modification_feature.symmetry                           1_555 
_pdbx_modification_feature.modified_residue_auth_comp_id      . 
_pdbx_modification_feature.modified_residue_auth_asym_id      . 
_pdbx_modification_feature.modified_residue_auth_seq_id       . 
_pdbx_modification_feature.modified_residue_PDB_ins_code      . 
_pdbx_modification_feature.modified_residue_symmetry          . 
_pdbx_modification_feature.comp_id_linking_atom               . 
_pdbx_modification_feature.modified_residue_id_linking_atom   . 
_pdbx_modification_feature.modified_residue_id                MET 
_pdbx_modification_feature.ref_pcm_id                         1 
_pdbx_modification_feature.ref_comp_id                        MSE 
_pdbx_modification_feature.type                               Selenomethionine 
_pdbx_modification_feature.category                           'Named protein modification' 
# 
_pdbx_entry_details.entry_id                   2FU2 
_pdbx_entry_details.compound_details           ? 
_pdbx_entry_details.source_details             ? 
_pdbx_entry_details.nonpolymer_details         ? 
_pdbx_entry_details.sequence_details           ? 
_pdbx_entry_details.has_ligand_of_interest     ? 
_pdbx_entry_details.has_protein_modification   Y 
# 
_pdbx_validate_close_contact.id               1 
_pdbx_validate_close_contact.PDB_model_num    1 
_pdbx_validate_close_contact.auth_atom_id_1   O 
_pdbx_validate_close_contact.auth_asym_id_1   A 
_pdbx_validate_close_contact.auth_comp_id_1   HOH 
_pdbx_validate_close_contact.auth_seq_id_1    129 
_pdbx_validate_close_contact.PDB_ins_code_1   ? 
_pdbx_validate_close_contact.label_alt_id_1   ? 
_pdbx_validate_close_contact.auth_atom_id_2   O 
_pdbx_validate_close_contact.auth_asym_id_2   A 
_pdbx_validate_close_contact.auth_comp_id_2   HOH 
_pdbx_validate_close_contact.auth_seq_id_2    154 
_pdbx_validate_close_contact.PDB_ins_code_2   ? 
_pdbx_validate_close_contact.label_alt_id_2   ? 
_pdbx_validate_close_contact.dist             1.79 
# 
loop_
_pdbx_validate_symm_contact.id 
_pdbx_validate_symm_contact.PDB_model_num 
_pdbx_validate_symm_contact.auth_atom_id_1 
_pdbx_validate_symm_contact.auth_asym_id_1 
_pdbx_validate_symm_contact.auth_comp_id_1 
_pdbx_validate_symm_contact.auth_seq_id_1 
_pdbx_validate_symm_contact.PDB_ins_code_1 
_pdbx_validate_symm_contact.label_alt_id_1 
_pdbx_validate_symm_contact.site_symmetry_1 
_pdbx_validate_symm_contact.auth_atom_id_2 
_pdbx_validate_symm_contact.auth_asym_id_2 
_pdbx_validate_symm_contact.auth_comp_id_2 
_pdbx_validate_symm_contact.auth_seq_id_2 
_pdbx_validate_symm_contact.PDB_ins_code_2 
_pdbx_validate_symm_contact.label_alt_id_2 
_pdbx_validate_symm_contact.site_symmetry_2 
_pdbx_validate_symm_contact.dist 
1 1 O A HOH 153 ? ? 1_555 O A HOH 160 ? ? 4_545 2.02 
2 1 O A HOH 115 ? ? 1_555 O A HOH 144 ? ? 1_565 2.17 
# 
_pdbx_SG_project.id                    1 
_pdbx_SG_project.project_name          'PSI, Protein Structure Initiative' 
_pdbx_SG_project.full_name_of_center   'Midwest Center for Structural Genomics' 
_pdbx_SG_project.initial_of_center     MCSG 
# 
_pdbx_struct_mod_residue.id               1 
_pdbx_struct_mod_residue.label_asym_id    A 
_pdbx_struct_mod_residue.label_comp_id    MSE 
_pdbx_struct_mod_residue.label_seq_id     42 
_pdbx_struct_mod_residue.auth_asym_id     A 
_pdbx_struct_mod_residue.auth_comp_id     MSE 
_pdbx_struct_mod_residue.auth_seq_id      42 
_pdbx_struct_mod_residue.PDB_ins_code     ? 
_pdbx_struct_mod_residue.parent_comp_id   MET 
_pdbx_struct_mod_residue.details          SELENOMETHIONINE 
# 
loop_
_pdbx_refine_tls.id 
_pdbx_refine_tls.details 
_pdbx_refine_tls.method 
_pdbx_refine_tls.origin_x 
_pdbx_refine_tls.origin_y 
_pdbx_refine_tls.origin_z 
_pdbx_refine_tls.T[1][1] 
_pdbx_refine_tls.T[2][2] 
_pdbx_refine_tls.T[3][3] 
_pdbx_refine_tls.T[1][2] 
_pdbx_refine_tls.T[1][3] 
_pdbx_refine_tls.T[2][3] 
_pdbx_refine_tls.L[1][1] 
_pdbx_refine_tls.L[2][2] 
_pdbx_refine_tls.L[3][3] 
_pdbx_refine_tls.L[1][2] 
_pdbx_refine_tls.L[1][3] 
_pdbx_refine_tls.L[2][3] 
_pdbx_refine_tls.S[1][1] 
_pdbx_refine_tls.S[1][2] 
_pdbx_refine_tls.S[1][3] 
_pdbx_refine_tls.S[2][1] 
_pdbx_refine_tls.S[2][2] 
_pdbx_refine_tls.S[2][3] 
_pdbx_refine_tls.S[3][1] 
_pdbx_refine_tls.S[3][2] 
_pdbx_refine_tls.S[3][3] 
_pdbx_refine_tls.pdbx_refine_id 
1 ? refined -1.4028 -5.5065 2.1930  -0.0789 -0.0623 -0.0965 -0.0772 -0.0180 0.0633 9.7411 2.2541 5.2253  -0.2585 -3.5135 1.4315  -0.0234 -0.2107 -0.0730 -0.0348 0.0319  0.2206  0.1652  -0.1263 -0.0085 'X-RAY DIFFRACTION' 
2 ? refined 5.3106  0.2799  6.1319  -0.0758 -0.0097 -0.1317 -0.0628 -0.0488 0.0235 9.8176 4.3931 6.6403  -2.9954 -6.4355 2.0842  -0.1343 -0.5978 0.1504  0.2228  0.1383  -0.2476 0.2405  0.1744  -0.0039 'X-RAY DIFFRACTION' 
3 ? refined 1.5964  4.5786  -4.5207 -0.0847 -0.1154 -0.0963 -0.0028 0.0378  0.0053 7.7845 3.6116 17.8064 -4.2665 -7.5885 7.5049  0.2793  0.1994  0.2719  -0.2162 -0.2276 -0.0513 -0.3867 -0.3115 -0.0517 'X-RAY DIFFRACTION' 
4 ? refined -5.9688 -0.2547 -4.9923 -0.0955 -0.0206 -0.0753 -0.0650 -0.0060 0.0298 8.3996 1.7533 4.7788  -3.0259 1.6267  -1.2259 -0.0299 -0.3998 -0.3635 -0.2563 0.2308  0.3356  0.0966  -0.4159 -0.2009 'X-RAY DIFFRACTION' 
# 
loop_
_pdbx_refine_tls_group.id 
_pdbx_refine_tls_group.refine_tls_id 
_pdbx_refine_tls_group.beg_auth_asym_id 
_pdbx_refine_tls_group.beg_auth_seq_id 
_pdbx_refine_tls_group.beg_label_asym_id 
_pdbx_refine_tls_group.beg_label_seq_id 
_pdbx_refine_tls_group.end_auth_asym_id 
_pdbx_refine_tls_group.end_auth_seq_id 
_pdbx_refine_tls_group.end_label_asym_id 
_pdbx_refine_tls_group.end_label_seq_id 
_pdbx_refine_tls_group.selection 
_pdbx_refine_tls_group.pdbx_refine_id 
_pdbx_refine_tls_group.selection_details 
1 1 A 2  A 2  A 22 A 22 ? 'X-RAY DIFFRACTION' ? 
2 2 A 23 A 23 A 41 A 41 ? 'X-RAY DIFFRACTION' ? 
3 3 A 42 A 42 A 64 A 64 ? 'X-RAY DIFFRACTION' ? 
4 4 A 65 A 65 A 79 A 79 ? 'X-RAY DIFFRACTION' ? 
# 
loop_
_pdbx_unobs_or_zero_occ_residues.id 
_pdbx_unobs_or_zero_occ_residues.PDB_model_num 
_pdbx_unobs_or_zero_occ_residues.polymer_flag 
_pdbx_unobs_or_zero_occ_residues.occupancy_flag 
_pdbx_unobs_or_zero_occ_residues.auth_asym_id 
_pdbx_unobs_or_zero_occ_residues.auth_comp_id 
_pdbx_unobs_or_zero_occ_residues.auth_seq_id 
_pdbx_unobs_or_zero_occ_residues.PDB_ins_code 
_pdbx_unobs_or_zero_occ_residues.label_asym_id 
_pdbx_unobs_or_zero_occ_residues.label_comp_id 
_pdbx_unobs_or_zero_occ_residues.label_seq_id 
1  1 Y 1 A MSE 1   ? A MSE 1   
2  1 Y 1 A ALA 80  ? A ALA 80  
3  1 Y 1 A SER 81  ? A SER 81  
4  1 Y 1 A HIS 82  ? A HIS 82  
5  1 Y 1 A TYR 83  ? A TYR 83  
6  1 Y 1 A LYS 84  ? A LYS 84  
7  1 Y 1 A GLY 85  ? A GLY 85  
8  1 Y 1 A THR 86  ? A THR 86  
9  1 Y 1 A ALA 87  ? A ALA 87  
10 1 Y 1 A ILE 88  ? A ILE 88  
11 1 Y 1 A SER 89  ? A SER 89  
12 1 Y 1 A ALA 90  ? A ALA 90  
13 1 Y 1 A ILE 91  ? A ILE 91  
14 1 Y 1 A MSE 92  ? A MSE 92  
15 1 Y 1 A LEU 93  ? A LEU 93  
16 1 Y 1 A GLY 94  ? A GLY 94  
17 1 Y 1 A SER 95  ? A SER 95  
18 1 Y 1 A PHE 96  ? A PHE 96  
19 1 Y 1 A LEU 97  ? A LEU 97  
20 1 Y 1 A SER 98  ? A SER 98  
21 1 Y 1 A GLY 99  ? A GLY 99  
22 1 Y 1 A GLY 100 ? A GLY 100 
23 1 Y 1 A PRO 101 ? A PRO 101 
24 1 Y 1 A LYS 102 ? A LYS 102 
# 
loop_
_chem_comp_atom.comp_id 
_chem_comp_atom.atom_id 
_chem_comp_atom.type_symbol 
_chem_comp_atom.pdbx_aromatic_flag 
_chem_comp_atom.pdbx_stereo_config 
_chem_comp_atom.pdbx_ordinal 
ALA N    N  N N 1   
ALA CA   C  N S 2   
ALA C    C  N N 3   
ALA O    O  N N 4   
ALA CB   C  N N 5   
ALA OXT  O  N N 6   
ALA H    H  N N 7   
ALA H2   H  N N 8   
ALA HA   H  N N 9   
ALA HB1  H  N N 10  
ALA HB2  H  N N 11  
ALA HB3  H  N N 12  
ALA HXT  H  N N 13  
ARG N    N  N N 14  
ARG CA   C  N S 15  
ARG C    C  N N 16  
ARG O    O  N N 17  
ARG CB   C  N N 18  
ARG CG   C  N N 19  
ARG CD   C  N N 20  
ARG NE   N  N N 21  
ARG CZ   C  N N 22  
ARG NH1  N  N N 23  
ARG NH2  N  N N 24  
ARG OXT  O  N N 25  
ARG H    H  N N 26  
ARG H2   H  N N 27  
ARG HA   H  N N 28  
ARG HB2  H  N N 29  
ARG HB3  H  N N 30  
ARG HG2  H  N N 31  
ARG HG3  H  N N 32  
ARG HD2  H  N N 33  
ARG HD3  H  N N 34  
ARG HE   H  N N 35  
ARG HH11 H  N N 36  
ARG HH12 H  N N 37  
ARG HH21 H  N N 38  
ARG HH22 H  N N 39  
ARG HXT  H  N N 40  
ASN N    N  N N 41  
ASN CA   C  N S 42  
ASN C    C  N N 43  
ASN O    O  N N 44  
ASN CB   C  N N 45  
ASN CG   C  N N 46  
ASN OD1  O  N N 47  
ASN ND2  N  N N 48  
ASN OXT  O  N N 49  
ASN H    H  N N 50  
ASN H2   H  N N 51  
ASN HA   H  N N 52  
ASN HB2  H  N N 53  
ASN HB3  H  N N 54  
ASN HD21 H  N N 55  
ASN HD22 H  N N 56  
ASN HXT  H  N N 57  
ASP N    N  N N 58  
ASP CA   C  N S 59  
ASP C    C  N N 60  
ASP O    O  N N 61  
ASP CB   C  N N 62  
ASP CG   C  N N 63  
ASP OD1  O  N N 64  
ASP OD2  O  N N 65  
ASP OXT  O  N N 66  
ASP H    H  N N 67  
ASP H2   H  N N 68  
ASP HA   H  N N 69  
ASP HB2  H  N N 70  
ASP HB3  H  N N 71  
ASP HD2  H  N N 72  
ASP HXT  H  N N 73  
GLN N    N  N N 74  
GLN CA   C  N S 75  
GLN C    C  N N 76  
GLN O    O  N N 77  
GLN CB   C  N N 78  
GLN CG   C  N N 79  
GLN CD   C  N N 80  
GLN OE1  O  N N 81  
GLN NE2  N  N N 82  
GLN OXT  O  N N 83  
GLN H    H  N N 84  
GLN H2   H  N N 85  
GLN HA   H  N N 86  
GLN HB2  H  N N 87  
GLN HB3  H  N N 88  
GLN HG2  H  N N 89  
GLN HG3  H  N N 90  
GLN HE21 H  N N 91  
GLN HE22 H  N N 92  
GLN HXT  H  N N 93  
GLU N    N  N N 94  
GLU CA   C  N S 95  
GLU C    C  N N 96  
GLU O    O  N N 97  
GLU CB   C  N N 98  
GLU CG   C  N N 99  
GLU CD   C  N N 100 
GLU OE1  O  N N 101 
GLU OE2  O  N N 102 
GLU OXT  O  N N 103 
GLU H    H  N N 104 
GLU H2   H  N N 105 
GLU HA   H  N N 106 
GLU HB2  H  N N 107 
GLU HB3  H  N N 108 
GLU HG2  H  N N 109 
GLU HG3  H  N N 110 
GLU HE2  H  N N 111 
GLU HXT  H  N N 112 
GLY N    N  N N 113 
GLY CA   C  N N 114 
GLY C    C  N N 115 
GLY O    O  N N 116 
GLY OXT  O  N N 117 
GLY H    H  N N 118 
GLY H2   H  N N 119 
GLY HA2  H  N N 120 
GLY HA3  H  N N 121 
GLY HXT  H  N N 122 
HIS N    N  N N 123 
HIS CA   C  N S 124 
HIS C    C  N N 125 
HIS O    O  N N 126 
HIS CB   C  N N 127 
HIS CG   C  Y N 128 
HIS ND1  N  Y N 129 
HIS CD2  C  Y N 130 
HIS CE1  C  Y N 131 
HIS NE2  N  Y N 132 
HIS OXT  O  N N 133 
HIS H    H  N N 134 
HIS H2   H  N N 135 
HIS HA   H  N N 136 
HIS HB2  H  N N 137 
HIS HB3  H  N N 138 
HIS HD1  H  N N 139 
HIS HD2  H  N N 140 
HIS HE1  H  N N 141 
HIS HE2  H  N N 142 
HIS HXT  H  N N 143 
HOH O    O  N N 144 
HOH H1   H  N N 145 
HOH H2   H  N N 146 
ILE N    N  N N 147 
ILE CA   C  N S 148 
ILE C    C  N N 149 
ILE O    O  N N 150 
ILE CB   C  N S 151 
ILE CG1  C  N N 152 
ILE CG2  C  N N 153 
ILE CD1  C  N N 154 
ILE OXT  O  N N 155 
ILE H    H  N N 156 
ILE H2   H  N N 157 
ILE HA   H  N N 158 
ILE HB   H  N N 159 
ILE HG12 H  N N 160 
ILE HG13 H  N N 161 
ILE HG21 H  N N 162 
ILE HG22 H  N N 163 
ILE HG23 H  N N 164 
ILE HD11 H  N N 165 
ILE HD12 H  N N 166 
ILE HD13 H  N N 167 
ILE HXT  H  N N 168 
LEU N    N  N N 169 
LEU CA   C  N S 170 
LEU C    C  N N 171 
LEU O    O  N N 172 
LEU CB   C  N N 173 
LEU CG   C  N N 174 
LEU CD1  C  N N 175 
LEU CD2  C  N N 176 
LEU OXT  O  N N 177 
LEU H    H  N N 178 
LEU H2   H  N N 179 
LEU HA   H  N N 180 
LEU HB2  H  N N 181 
LEU HB3  H  N N 182 
LEU HG   H  N N 183 
LEU HD11 H  N N 184 
LEU HD12 H  N N 185 
LEU HD13 H  N N 186 
LEU HD21 H  N N 187 
LEU HD22 H  N N 188 
LEU HD23 H  N N 189 
LEU HXT  H  N N 190 
LYS N    N  N N 191 
LYS CA   C  N S 192 
LYS C    C  N N 193 
LYS O    O  N N 194 
LYS CB   C  N N 195 
LYS CG   C  N N 196 
LYS CD   C  N N 197 
LYS CE   C  N N 198 
LYS NZ   N  N N 199 
LYS OXT  O  N N 200 
LYS H    H  N N 201 
LYS H2   H  N N 202 
LYS HA   H  N N 203 
LYS HB2  H  N N 204 
LYS HB3  H  N N 205 
LYS HG2  H  N N 206 
LYS HG3  H  N N 207 
LYS HD2  H  N N 208 
LYS HD3  H  N N 209 
LYS HE2  H  N N 210 
LYS HE3  H  N N 211 
LYS HZ1  H  N N 212 
LYS HZ2  H  N N 213 
LYS HZ3  H  N N 214 
LYS HXT  H  N N 215 
MET N    N  N N 216 
MET CA   C  N S 217 
MET C    C  N N 218 
MET O    O  N N 219 
MET CB   C  N N 220 
MET CG   C  N N 221 
MET SD   S  N N 222 
MET CE   C  N N 223 
MET OXT  O  N N 224 
MET H    H  N N 225 
MET H2   H  N N 226 
MET HA   H  N N 227 
MET HB2  H  N N 228 
MET HB3  H  N N 229 
MET HG2  H  N N 230 
MET HG3  H  N N 231 
MET HE1  H  N N 232 
MET HE2  H  N N 233 
MET HE3  H  N N 234 
MET HXT  H  N N 235 
MSE N    N  N N 236 
MSE CA   C  N S 237 
MSE C    C  N N 238 
MSE O    O  N N 239 
MSE OXT  O  N N 240 
MSE CB   C  N N 241 
MSE CG   C  N N 242 
MSE SE   SE N N 243 
MSE CE   C  N N 244 
MSE H    H  N N 245 
MSE H2   H  N N 246 
MSE HA   H  N N 247 
MSE HXT  H  N N 248 
MSE HB2  H  N N 249 
MSE HB3  H  N N 250 
MSE HG2  H  N N 251 
MSE HG3  H  N N 252 
MSE HE1  H  N N 253 
MSE HE2  H  N N 254 
MSE HE3  H  N N 255 
PHE N    N  N N 256 
PHE CA   C  N S 257 
PHE C    C  N N 258 
PHE O    O  N N 259 
PHE CB   C  N N 260 
PHE CG   C  Y N 261 
PHE CD1  C  Y N 262 
PHE CD2  C  Y N 263 
PHE CE1  C  Y N 264 
PHE CE2  C  Y N 265 
PHE CZ   C  Y N 266 
PHE OXT  O  N N 267 
PHE H    H  N N 268 
PHE H2   H  N N 269 
PHE HA   H  N N 270 
PHE HB2  H  N N 271 
PHE HB3  H  N N 272 
PHE HD1  H  N N 273 
PHE HD2  H  N N 274 
PHE HE1  H  N N 275 
PHE HE2  H  N N 276 
PHE HZ   H  N N 277 
PHE HXT  H  N N 278 
PRO N    N  N N 279 
PRO CA   C  N S 280 
PRO C    C  N N 281 
PRO O    O  N N 282 
PRO CB   C  N N 283 
PRO CG   C  N N 284 
PRO CD   C  N N 285 
PRO OXT  O  N N 286 
PRO H    H  N N 287 
PRO HA   H  N N 288 
PRO HB2  H  N N 289 
PRO HB3  H  N N 290 
PRO HG2  H  N N 291 
PRO HG3  H  N N 292 
PRO HD2  H  N N 293 
PRO HD3  H  N N 294 
PRO HXT  H  N N 295 
SER N    N  N N 296 
SER CA   C  N S 297 
SER C    C  N N 298 
SER O    O  N N 299 
SER CB   C  N N 300 
SER OG   O  N N 301 
SER OXT  O  N N 302 
SER H    H  N N 303 
SER H2   H  N N 304 
SER HA   H  N N 305 
SER HB2  H  N N 306 
SER HB3  H  N N 307 
SER HG   H  N N 308 
SER HXT  H  N N 309 
THR N    N  N N 310 
THR CA   C  N S 311 
THR C    C  N N 312 
THR O    O  N N 313 
THR CB   C  N R 314 
THR OG1  O  N N 315 
THR CG2  C  N N 316 
THR OXT  O  N N 317 
THR H    H  N N 318 
THR H2   H  N N 319 
THR HA   H  N N 320 
THR HB   H  N N 321 
THR HG1  H  N N 322 
THR HG21 H  N N 323 
THR HG22 H  N N 324 
THR HG23 H  N N 325 
THR HXT  H  N N 326 
TYR N    N  N N 327 
TYR CA   C  N S 328 
TYR C    C  N N 329 
TYR O    O  N N 330 
TYR CB   C  N N 331 
TYR CG   C  Y N 332 
TYR CD1  C  Y N 333 
TYR CD2  C  Y N 334 
TYR CE1  C  Y N 335 
TYR CE2  C  Y N 336 
TYR CZ   C  Y N 337 
TYR OH   O  N N 338 
TYR OXT  O  N N 339 
TYR H    H  N N 340 
TYR H2   H  N N 341 
TYR HA   H  N N 342 
TYR HB2  H  N N 343 
TYR HB3  H  N N 344 
TYR HD1  H  N N 345 
TYR HD2  H  N N 346 
TYR HE1  H  N N 347 
TYR HE2  H  N N 348 
TYR HH   H  N N 349 
TYR HXT  H  N N 350 
VAL N    N  N N 351 
VAL CA   C  N S 352 
VAL C    C  N N 353 
VAL O    O  N N 354 
VAL CB   C  N N 355 
VAL CG1  C  N N 356 
VAL CG2  C  N N 357 
VAL OXT  O  N N 358 
VAL H    H  N N 359 
VAL H2   H  N N 360 
VAL HA   H  N N 361 
VAL HB   H  N N 362 
VAL HG11 H  N N 363 
VAL HG12 H  N N 364 
VAL HG13 H  N N 365 
VAL HG21 H  N N 366 
VAL HG22 H  N N 367 
VAL HG23 H  N N 368 
VAL HXT  H  N N 369 
# 
loop_
_chem_comp_bond.comp_id 
_chem_comp_bond.atom_id_1 
_chem_comp_bond.atom_id_2 
_chem_comp_bond.value_order 
_chem_comp_bond.pdbx_aromatic_flag 
_chem_comp_bond.pdbx_stereo_config 
_chem_comp_bond.pdbx_ordinal 
ALA N   CA   sing N N 1   
ALA N   H    sing N N 2   
ALA N   H2   sing N N 3   
ALA CA  C    sing N N 4   
ALA CA  CB   sing N N 5   
ALA CA  HA   sing N N 6   
ALA C   O    doub N N 7   
ALA C   OXT  sing N N 8   
ALA CB  HB1  sing N N 9   
ALA CB  HB2  sing N N 10  
ALA CB  HB3  sing N N 11  
ALA OXT HXT  sing N N 12  
ARG N   CA   sing N N 13  
ARG N   H    sing N N 14  
ARG N   H2   sing N N 15  
ARG CA  C    sing N N 16  
ARG CA  CB   sing N N 17  
ARG CA  HA   sing N N 18  
ARG C   O    doub N N 19  
ARG C   OXT  sing N N 20  
ARG CB  CG   sing N N 21  
ARG CB  HB2  sing N N 22  
ARG CB  HB3  sing N N 23  
ARG CG  CD   sing N N 24  
ARG CG  HG2  sing N N 25  
ARG CG  HG3  sing N N 26  
ARG CD  NE   sing N N 27  
ARG CD  HD2  sing N N 28  
ARG CD  HD3  sing N N 29  
ARG NE  CZ   sing N N 30  
ARG NE  HE   sing N N 31  
ARG CZ  NH1  sing N N 32  
ARG CZ  NH2  doub N N 33  
ARG NH1 HH11 sing N N 34  
ARG NH1 HH12 sing N N 35  
ARG NH2 HH21 sing N N 36  
ARG NH2 HH22 sing N N 37  
ARG OXT HXT  sing N N 38  
ASN N   CA   sing N N 39  
ASN N   H    sing N N 40  
ASN N   H2   sing N N 41  
ASN CA  C    sing N N 42  
ASN CA  CB   sing N N 43  
ASN CA  HA   sing N N 44  
ASN C   O    doub N N 45  
ASN C   OXT  sing N N 46  
ASN CB  CG   sing N N 47  
ASN CB  HB2  sing N N 48  
ASN CB  HB3  sing N N 49  
ASN CG  OD1  doub N N 50  
ASN CG  ND2  sing N N 51  
ASN ND2 HD21 sing N N 52  
ASN ND2 HD22 sing N N 53  
ASN OXT HXT  sing N N 54  
ASP N   CA   sing N N 55  
ASP N   H    sing N N 56  
ASP N   H2   sing N N 57  
ASP CA  C    sing N N 58  
ASP CA  CB   sing N N 59  
ASP CA  HA   sing N N 60  
ASP C   O    doub N N 61  
ASP C   OXT  sing N N 62  
ASP CB  CG   sing N N 63  
ASP CB  HB2  sing N N 64  
ASP CB  HB3  sing N N 65  
ASP CG  OD1  doub N N 66  
ASP CG  OD2  sing N N 67  
ASP OD2 HD2  sing N N 68  
ASP OXT HXT  sing N N 69  
GLN N   CA   sing N N 70  
GLN N   H    sing N N 71  
GLN N   H2   sing N N 72  
GLN CA  C    sing N N 73  
GLN CA  CB   sing N N 74  
GLN CA  HA   sing N N 75  
GLN C   O    doub N N 76  
GLN C   OXT  sing N N 77  
GLN CB  CG   sing N N 78  
GLN CB  HB2  sing N N 79  
GLN CB  HB3  sing N N 80  
GLN CG  CD   sing N N 81  
GLN CG  HG2  sing N N 82  
GLN CG  HG3  sing N N 83  
GLN CD  OE1  doub N N 84  
GLN CD  NE2  sing N N 85  
GLN NE2 HE21 sing N N 86  
GLN NE2 HE22 sing N N 87  
GLN OXT HXT  sing N N 88  
GLU N   CA   sing N N 89  
GLU N   H    sing N N 90  
GLU N   H2   sing N N 91  
GLU CA  C    sing N N 92  
GLU CA  CB   sing N N 93  
GLU CA  HA   sing N N 94  
GLU C   O    doub N N 95  
GLU C   OXT  sing N N 96  
GLU CB  CG   sing N N 97  
GLU CB  HB2  sing N N 98  
GLU CB  HB3  sing N N 99  
GLU CG  CD   sing N N 100 
GLU CG  HG2  sing N N 101 
GLU CG  HG3  sing N N 102 
GLU CD  OE1  doub N N 103 
GLU CD  OE2  sing N N 104 
GLU OE2 HE2  sing N N 105 
GLU OXT HXT  sing N N 106 
GLY N   CA   sing N N 107 
GLY N   H    sing N N 108 
GLY N   H2   sing N N 109 
GLY CA  C    sing N N 110 
GLY CA  HA2  sing N N 111 
GLY CA  HA3  sing N N 112 
GLY C   O    doub N N 113 
GLY C   OXT  sing N N 114 
GLY OXT HXT  sing N N 115 
HIS N   CA   sing N N 116 
HIS N   H    sing N N 117 
HIS N   H2   sing N N 118 
HIS CA  C    sing N N 119 
HIS CA  CB   sing N N 120 
HIS CA  HA   sing N N 121 
HIS C   O    doub N N 122 
HIS C   OXT  sing N N 123 
HIS CB  CG   sing N N 124 
HIS CB  HB2  sing N N 125 
HIS CB  HB3  sing N N 126 
HIS CG  ND1  sing Y N 127 
HIS CG  CD2  doub Y N 128 
HIS ND1 CE1  doub Y N 129 
HIS ND1 HD1  sing N N 130 
HIS CD2 NE2  sing Y N 131 
HIS CD2 HD2  sing N N 132 
HIS CE1 NE2  sing Y N 133 
HIS CE1 HE1  sing N N 134 
HIS NE2 HE2  sing N N 135 
HIS OXT HXT  sing N N 136 
HOH O   H1   sing N N 137 
HOH O   H2   sing N N 138 
ILE N   CA   sing N N 139 
ILE N   H    sing N N 140 
ILE N   H2   sing N N 141 
ILE CA  C    sing N N 142 
ILE CA  CB   sing N N 143 
ILE CA  HA   sing N N 144 
ILE C   O    doub N N 145 
ILE C   OXT  sing N N 146 
ILE CB  CG1  sing N N 147 
ILE CB  CG2  sing N N 148 
ILE CB  HB   sing N N 149 
ILE CG1 CD1  sing N N 150 
ILE CG1 HG12 sing N N 151 
ILE CG1 HG13 sing N N 152 
ILE CG2 HG21 sing N N 153 
ILE CG2 HG22 sing N N 154 
ILE CG2 HG23 sing N N 155 
ILE CD1 HD11 sing N N 156 
ILE CD1 HD12 sing N N 157 
ILE CD1 HD13 sing N N 158 
ILE OXT HXT  sing N N 159 
LEU N   CA   sing N N 160 
LEU N   H    sing N N 161 
LEU N   H2   sing N N 162 
LEU CA  C    sing N N 163 
LEU CA  CB   sing N N 164 
LEU CA  HA   sing N N 165 
LEU C   O    doub N N 166 
LEU C   OXT  sing N N 167 
LEU CB  CG   sing N N 168 
LEU CB  HB2  sing N N 169 
LEU CB  HB3  sing N N 170 
LEU CG  CD1  sing N N 171 
LEU CG  CD2  sing N N 172 
LEU CG  HG   sing N N 173 
LEU CD1 HD11 sing N N 174 
LEU CD1 HD12 sing N N 175 
LEU CD1 HD13 sing N N 176 
LEU CD2 HD21 sing N N 177 
LEU CD2 HD22 sing N N 178 
LEU CD2 HD23 sing N N 179 
LEU OXT HXT  sing N N 180 
LYS N   CA   sing N N 181 
LYS N   H    sing N N 182 
LYS N   H2   sing N N 183 
LYS CA  C    sing N N 184 
LYS CA  CB   sing N N 185 
LYS CA  HA   sing N N 186 
LYS C   O    doub N N 187 
LYS C   OXT  sing N N 188 
LYS CB  CG   sing N N 189 
LYS CB  HB2  sing N N 190 
LYS CB  HB3  sing N N 191 
LYS CG  CD   sing N N 192 
LYS CG  HG2  sing N N 193 
LYS CG  HG3  sing N N 194 
LYS CD  CE   sing N N 195 
LYS CD  HD2  sing N N 196 
LYS CD  HD3  sing N N 197 
LYS CE  NZ   sing N N 198 
LYS CE  HE2  sing N N 199 
LYS CE  HE3  sing N N 200 
LYS NZ  HZ1  sing N N 201 
LYS NZ  HZ2  sing N N 202 
LYS NZ  HZ3  sing N N 203 
LYS OXT HXT  sing N N 204 
MET N   CA   sing N N 205 
MET N   H    sing N N 206 
MET N   H2   sing N N 207 
MET CA  C    sing N N 208 
MET CA  CB   sing N N 209 
MET CA  HA   sing N N 210 
MET C   O    doub N N 211 
MET C   OXT  sing N N 212 
MET CB  CG   sing N N 213 
MET CB  HB2  sing N N 214 
MET CB  HB3  sing N N 215 
MET CG  SD   sing N N 216 
MET CG  HG2  sing N N 217 
MET CG  HG3  sing N N 218 
MET SD  CE   sing N N 219 
MET CE  HE1  sing N N 220 
MET CE  HE2  sing N N 221 
MET CE  HE3  sing N N 222 
MET OXT HXT  sing N N 223 
MSE N   CA   sing N N 224 
MSE N   H    sing N N 225 
MSE N   H2   sing N N 226 
MSE CA  C    sing N N 227 
MSE CA  CB   sing N N 228 
MSE CA  HA   sing N N 229 
MSE C   O    doub N N 230 
MSE C   OXT  sing N N 231 
MSE OXT HXT  sing N N 232 
MSE CB  CG   sing N N 233 
MSE CB  HB2  sing N N 234 
MSE CB  HB3  sing N N 235 
MSE CG  SE   sing N N 236 
MSE CG  HG2  sing N N 237 
MSE CG  HG3  sing N N 238 
MSE SE  CE   sing N N 239 
MSE CE  HE1  sing N N 240 
MSE CE  HE2  sing N N 241 
MSE CE  HE3  sing N N 242 
PHE N   CA   sing N N 243 
PHE N   H    sing N N 244 
PHE N   H2   sing N N 245 
PHE CA  C    sing N N 246 
PHE CA  CB   sing N N 247 
PHE CA  HA   sing N N 248 
PHE C   O    doub N N 249 
PHE C   OXT  sing N N 250 
PHE CB  CG   sing N N 251 
PHE CB  HB2  sing N N 252 
PHE CB  HB3  sing N N 253 
PHE CG  CD1  doub Y N 254 
PHE CG  CD2  sing Y N 255 
PHE CD1 CE1  sing Y N 256 
PHE CD1 HD1  sing N N 257 
PHE CD2 CE2  doub Y N 258 
PHE CD2 HD2  sing N N 259 
PHE CE1 CZ   doub Y N 260 
PHE CE1 HE1  sing N N 261 
PHE CE2 CZ   sing Y N 262 
PHE CE2 HE2  sing N N 263 
PHE CZ  HZ   sing N N 264 
PHE OXT HXT  sing N N 265 
PRO N   CA   sing N N 266 
PRO N   CD   sing N N 267 
PRO N   H    sing N N 268 
PRO CA  C    sing N N 269 
PRO CA  CB   sing N N 270 
PRO CA  HA   sing N N 271 
PRO C   O    doub N N 272 
PRO C   OXT  sing N N 273 
PRO CB  CG   sing N N 274 
PRO CB  HB2  sing N N 275 
PRO CB  HB3  sing N N 276 
PRO CG  CD   sing N N 277 
PRO CG  HG2  sing N N 278 
PRO CG  HG3  sing N N 279 
PRO CD  HD2  sing N N 280 
PRO CD  HD3  sing N N 281 
PRO OXT HXT  sing N N 282 
SER N   CA   sing N N 283 
SER N   H    sing N N 284 
SER N   H2   sing N N 285 
SER CA  C    sing N N 286 
SER CA  CB   sing N N 287 
SER CA  HA   sing N N 288 
SER C   O    doub N N 289 
SER C   OXT  sing N N 290 
SER CB  OG   sing N N 291 
SER CB  HB2  sing N N 292 
SER CB  HB3  sing N N 293 
SER OG  HG   sing N N 294 
SER OXT HXT  sing N N 295 
THR N   CA   sing N N 296 
THR N   H    sing N N 297 
THR N   H2   sing N N 298 
THR CA  C    sing N N 299 
THR CA  CB   sing N N 300 
THR CA  HA   sing N N 301 
THR C   O    doub N N 302 
THR C   OXT  sing N N 303 
THR CB  OG1  sing N N 304 
THR CB  CG2  sing N N 305 
THR CB  HB   sing N N 306 
THR OG1 HG1  sing N N 307 
THR CG2 HG21 sing N N 308 
THR CG2 HG22 sing N N 309 
THR CG2 HG23 sing N N 310 
THR OXT HXT  sing N N 311 
TYR N   CA   sing N N 312 
TYR N   H    sing N N 313 
TYR N   H2   sing N N 314 
TYR CA  C    sing N N 315 
TYR CA  CB   sing N N 316 
TYR CA  HA   sing N N 317 
TYR C   O    doub N N 318 
TYR C   OXT  sing N N 319 
TYR CB  CG   sing N N 320 
TYR CB  HB2  sing N N 321 
TYR CB  HB3  sing N N 322 
TYR CG  CD1  doub Y N 323 
TYR CG  CD2  sing Y N 324 
TYR CD1 CE1  sing Y N 325 
TYR CD1 HD1  sing N N 326 
TYR CD2 CE2  doub Y N 327 
TYR CD2 HD2  sing N N 328 
TYR CE1 CZ   doub Y N 329 
TYR CE1 HE1  sing N N 330 
TYR CE2 CZ   sing Y N 331 
TYR CE2 HE2  sing N N 332 
TYR CZ  OH   sing N N 333 
TYR OH  HH   sing N N 334 
TYR OXT HXT  sing N N 335 
VAL N   CA   sing N N 336 
VAL N   H    sing N N 337 
VAL N   H2   sing N N 338 
VAL CA  C    sing N N 339 
VAL CA  CB   sing N N 340 
VAL CA  HA   sing N N 341 
VAL C   O    doub N N 342 
VAL C   OXT  sing N N 343 
VAL CB  CG1  sing N N 344 
VAL CB  CG2  sing N N 345 
VAL CB  HB   sing N N 346 
VAL CG1 HG11 sing N N 347 
VAL CG1 HG12 sing N N 348 
VAL CG1 HG13 sing N N 349 
VAL CG2 HG21 sing N N 350 
VAL CG2 HG22 sing N N 351 
VAL CG2 HG23 sing N N 352 
VAL OXT HXT  sing N N 353 
# 
_atom_sites.entry_id                    2FU2 
_atom_sites.fract_transf_matrix[1][1]   0.00678473 
_atom_sites.fract_transf_matrix[1][2]   -0.01025806 
_atom_sites.fract_transf_matrix[1][3]   -0.00730756 
_atom_sites.fract_transf_matrix[2][1]   -0.02810431 
_atom_sites.fract_transf_matrix[2][2]   -0.00742160 
_atom_sites.fract_transf_matrix[2][3]   -0.01567540 
_atom_sites.fract_transf_matrix[3][1]   0.01197697 
_atom_sites.fract_transf_matrix[3][2]   0.00980489 
_atom_sites.fract_transf_matrix[3][3]   -0.02611560 
_atom_sites.fract_transf_vector[1]      0.223836 
_atom_sites.fract_transf_vector[2]      -0.276594 
_atom_sites.fract_transf_vector[3]      0.235835 
# 
loop_
_atom_type.symbol 
C  
N  
O  
SE 
# 
loop_
_atom_site.group_PDB 
_atom_site.id 
_atom_site.type_symbol 
_atom_site.label_atom_id 
_atom_site.label_alt_id 
_atom_site.label_comp_id 
_atom_site.label_asym_id 
_atom_site.label_entity_id 
_atom_site.label_seq_id 
_atom_site.pdbx_PDB_ins_code 
_atom_site.Cartn_x 
_atom_site.Cartn_y 
_atom_site.Cartn_z 
_atom_site.occupancy 
_atom_site.B_iso_or_equiv 
_atom_site.pdbx_formal_charge 
_atom_site.auth_seq_id 
_atom_site.auth_comp_id 
_atom_site.auth_asym_id 
_atom_site.auth_atom_id 
_atom_site.pdbx_PDB_model_num 
ATOM   1   N  N   . PRO A 1 2  ? -15.399 1.998   3.257   1.00 34.36 ? 2   PRO A N   1 
ATOM   2   C  CA  . PRO A 1 2  ? -13.919 1.909   3.028   1.00 34.77 ? 2   PRO A CA  1 
ATOM   3   C  C   . PRO A 1 2  ? -13.107 2.018   4.359   1.00 34.17 ? 2   PRO A C   1 
ATOM   4   O  O   . PRO A 1 2  ? -12.562 3.067   4.650   1.00 34.72 ? 2   PRO A O   1 
ATOM   5   C  CB  . PRO A 1 2  ? -13.642 3.087   2.084   1.00 34.09 ? 2   PRO A CB  1 
ATOM   6   C  CG  . PRO A 1 2  ? -14.727 4.113   2.491   1.00 36.01 ? 2   PRO A CG  1 
ATOM   7   C  CD  . PRO A 1 2  ? -15.972 3.289   2.811   1.00 34.67 ? 2   PRO A CD  1 
ATOM   8   N  N   . SER A 1 3  ? -13.066 0.943   5.153   1.00 33.66 ? 3   SER A N   1 
ATOM   9   C  CA  . SER A 1 3  ? -12.690 0.962   6.584   1.00 32.68 ? 3   SER A CA  1 
ATOM   10  C  C   . SER A 1 3  ? -11.184 0.864   6.848   1.00 32.99 ? 3   SER A C   1 
ATOM   11  O  O   . SER A 1 3  ? -10.379 0.472   5.953   1.00 33.10 ? 3   SER A O   1 
ATOM   12  C  CB  . SER A 1 3  ? -13.371 -0.202  7.304   1.00 32.36 ? 3   SER A CB  1 
ATOM   13  O  OG  . SER A 1 3  ? -12.617 -1.405  7.185   1.00 32.08 ? 3   SER A OG  1 
ATOM   14  N  N   . GLU A 1 4  ? -10.800 1.189   8.083   1.00 32.36 ? 4   GLU A N   1 
ATOM   15  C  CA  . GLU A 1 4  ? -9.384  1.146   8.498   1.00 32.45 ? 4   GLU A CA  1 
ATOM   16  C  C   . GLU A 1 4  ? -8.783  -0.229  8.352   1.00 32.20 ? 4   GLU A C   1 
ATOM   17  O  O   . GLU A 1 4  ? -7.621  -0.358  7.902   1.00 31.28 ? 4   GLU A O   1 
ATOM   18  C  CB  . GLU A 1 4  ? -9.200  1.585   9.947   1.00 33.37 ? 4   GLU A CB  1 
ATOM   19  C  CG  . GLU A 1 4  ? -9.450  3.044   10.199  1.00 34.58 ? 4   GLU A CG  1 
ATOM   20  C  CD  . GLU A 1 4  ? -9.066  3.441   11.590  1.00 32.93 ? 4   GLU A CD  1 
ATOM   21  O  OE1 . GLU A 1 4  ? -9.195  2.621   12.513  1.00 35.92 ? 4   GLU A OE1 1 
ATOM   22  O  OE2 . GLU A 1 4  ? -8.614  4.577   11.756  1.00 34.49 ? 4   GLU A OE2 1 
ATOM   23  N  N   . LYS A 1 5  ? -9.571  -1.247  8.740   1.00 31.50 ? 5   LYS A N   1 
ATOM   24  C  CA  . LYS A 1 5  ? -9.176  -2.655  8.583   1.00 31.93 ? 5   LYS A CA  1 
ATOM   25  C  C   . LYS A 1 5  ? -9.023  -3.189  7.130   1.00 31.80 ? 5   LYS A C   1 
ATOM   26  O  O   . LYS A 1 5  ? -8.132  -3.976  6.859   1.00 32.07 ? 5   LYS A O   1 
ATOM   27  C  CB  . LYS A 1 5  ? -10.129 -3.519  9.390   1.00 31.69 ? 5   LYS A CB  1 
ATOM   28  C  CG  . LYS A 1 5  ? -9.989  -3.291  10.882  1.00 33.92 ? 5   LYS A CG  1 
ATOM   29  C  CD  . LYS A 1 5  ? -11.368 -3.325  11.524  1.00 42.01 ? 5   LYS A CD  1 
ATOM   30  C  CE  . LYS A 1 5  ? -11.309 -3.478  13.049  1.00 45.12 ? 5   LYS A CE  1 
ATOM   31  N  NZ  . LYS A 1 5  ? -12.729 -3.448  13.635  1.00 46.94 ? 5   LYS A NZ  1 
ATOM   32  N  N   . GLU A 1 6  ? -9.888  -2.745  6.220   1.00 31.89 ? 6   GLU A N   1 
ATOM   33  C  CA  . GLU A 1 6  ? -9.854  -3.198  4.839   1.00 33.15 ? 6   GLU A CA  1 
ATOM   34  C  C   . GLU A 1 6  ? -8.563  -2.666  4.224   1.00 32.40 ? 6   GLU A C   1 
ATOM   35  O  O   . GLU A 1 6  ? -7.893  -3.377  3.467   1.00 32.83 ? 6   GLU A O   1 
ATOM   36  C  CB  . GLU A 1 6  ? -11.086 -2.716  4.041   1.00 32.25 ? 6   GLU A CB  1 
ATOM   37  C  CG  . GLU A 1 6  ? -12.358 -3.306  4.543   1.00 34.75 ? 6   GLU A CG  1 
ATOM   38  C  CD  . GLU A 1 6  ? -13.668 -2.686  3.974   1.00 34.91 ? 6   GLU A CD  1 
ATOM   39  O  OE1 . GLU A 1 6  ? -13.836 -1.439  3.991   1.00 36.20 ? 6   GLU A OE1 1 
ATOM   40  O  OE2 . GLU A 1 6  ? -14.554 -3.476  3.556   1.00 36.26 ? 6   GLU A OE2 1 
ATOM   41  N  N   . ILE A 1 7  ? -8.211  -1.421  4.548   1.00 31.01 ? 7   ILE A N   1 
ATOM   42  C  CA  . ILE A 1 7  ? -6.965  -0.847  4.020   1.00 30.52 ? 7   ILE A CA  1 
ATOM   43  C  C   . ILE A 1 7  ? -5.728  -1.563  4.628   1.00 30.86 ? 7   ILE A C   1 
ATOM   44  O  O   . ILE A 1 7  ? -4.751  -1.882  3.904   1.00 30.45 ? 7   ILE A O   1 
ATOM   45  C  CB  . ILE A 1 7  ? -6.930  0.685   4.217   1.00 30.86 ? 7   ILE A CB  1 
ATOM   46  C  CG1 . ILE A 1 7  ? -8.191  1.306   3.557   1.00 28.77 ? 7   ILE A CG1 1 
ATOM   47  C  CG2 . ILE A 1 7  ? -5.518  1.324   3.751   1.00 29.29 ? 7   ILE A CG2 1 
ATOM   48  C  CD1 . ILE A 1 7  ? -8.231  2.763   3.584   1.00 26.71 ? 7   ILE A CD1 1 
ATOM   49  N  N   . LEU A 1 8  ? -5.798  -1.853  5.923   1.00 29.53 ? 8   LEU A N   1 
ATOM   50  C  CA  . LEU A 1 8  ? -4.710  -2.549  6.596   1.00 30.42 ? 8   LEU A CA  1 
ATOM   51  C  C   . LEU A 1 8  ? -4.536  -3.934  5.977   1.00 30.67 ? 8   LEU A C   1 
ATOM   52  O  O   . LEU A 1 8  ? -3.401  -4.321  5.623   1.00 30.46 ? 8   LEU A O   1 
ATOM   53  C  CB  . LEU A 1 8  ? -4.954  -2.641  8.088   1.00 29.58 ? 8   LEU A CB  1 
ATOM   54  C  CG  . LEU A 1 8  ? -3.858  -3.302  8.961   1.00 33.32 ? 8   LEU A CG  1 
ATOM   55  C  CD1 . LEU A 1 8  ? -2.435  -2.689  8.877   1.00 29.74 ? 8   LEU A CD1 1 
ATOM   56  C  CD2 . LEU A 1 8  ? -4.307  -3.284  10.454  1.00 32.50 ? 8   LEU A CD2 1 
ATOM   57  N  N   . ASP A 1 9  ? -5.653  -4.654  5.769   1.00 29.74 ? 9   ASP A N   1 
ATOM   58  C  CA  . ASP A 1 9  ? -5.558  -5.937  5.115   1.00 30.28 ? 9   ASP A CA  1 
ATOM   59  C  C   . ASP A 1 9  ? -4.998  -5.884  3.667   1.00 31.44 ? 9   ASP A C   1 
ATOM   60  O  O   . ASP A 1 9  ? -4.078  -6.684  3.314   1.00 32.46 ? 9   ASP A O   1 
ATOM   61  C  CB  . ASP A 1 9  ? -6.898  -6.665  5.149   1.00 30.14 ? 9   ASP A CB  1 
ATOM   62  C  CG  . ASP A 1 9  ? -7.265  -7.155  6.547   1.00 29.09 ? 9   ASP A CG  1 
ATOM   63  O  OD1 . ASP A 1 9  ? -6.398  -7.113  7.441   1.00 27.71 ? 9   ASP A OD1 1 
ATOM   64  O  OD2 . ASP A 1 9  ? -8.433  -7.564  6.740   1.00 25.74 ? 9   ASP A OD2 1 
ATOM   65  N  N   . ALA A 1 10 ? -5.536  -4.945  2.848   1.00 31.15 ? 10  ALA A N   1 
ATOM   66  C  CA  . ALA A 1 10 ? -4.982  -4.632  1.545   1.00 31.02 ? 10  ALA A CA  1 
ATOM   67  C  C   . ALA A 1 10 ? -3.482  -4.334  1.547   1.00 30.56 ? 10  ALA A C   1 
ATOM   68  O  O   . ALA A 1 10 ? -2.761  -4.857  0.680   1.00 31.53 ? 10  ALA A O   1 
ATOM   69  C  CB  . ALA A 1 10 ? -5.768  -3.488  0.856   1.00 31.48 ? 10  ALA A CB  1 
ATOM   70  N  N   . LEU A 1 11 ? -2.997  -3.517  2.475   1.00 29.30 ? 11  LEU A N   1 
ATOM   71  C  CA  . LEU A 1 11 ? -1.512  -3.390  2.680   1.00 28.21 ? 11  LEU A CA  1 
ATOM   72  C  C   . LEU A 1 11 ? -0.829  -4.704  2.929   1.00 28.96 ? 11  LEU A C   1 
ATOM   73  O  O   . LEU A 1 11 ? 0.285   -4.913  2.396   1.00 28.57 ? 11  LEU A O   1 
ATOM   74  C  CB  . LEU A 1 11 ? -1.163  -2.513  3.864   1.00 25.99 ? 11  LEU A CB  1 
ATOM   75  C  CG  . LEU A 1 11 ? -1.458  -1.088  3.474   1.00 26.36 ? 11  LEU A CG  1 
ATOM   76  C  CD1 . LEU A 1 11 ? -1.815  -0.228  4.637   1.00 28.23 ? 11  LEU A CD1 1 
ATOM   77  C  CD2 . LEU A 1 11 ? -0.230  -0.491  2.703   1.00 23.50 ? 11  LEU A CD2 1 
ATOM   78  N  N   . SER A 1 12 ? -1.467  -5.598  3.706   1.00 30.21 ? 12  SER A N   1 
ATOM   79  C  CA  . SER A 1 12 ? -0.786  -6.839  4.102   1.00 32.27 ? 12  SER A CA  1 
ATOM   80  C  C   . SER A 1 12 ? -0.695  -7.755  2.901   1.00 32.78 ? 12  SER A C   1 
ATOM   81  O  O   . SER A 1 12 ? 0.308   -8.468  2.727   1.00 33.89 ? 12  SER A O   1 
ATOM   82  C  CB  . SER A 1 12 ? -1.506  -7.567  5.245   1.00 32.80 ? 12  SER A CB  1 
ATOM   83  O  OG  . SER A 1 12 ? -1.429  -6.743  6.391   1.00 36.04 ? 12  SER A OG  1 
ATOM   84  N  N   . LYS A 1 13 ? -1.769  -7.745  2.106   1.00 32.76 ? 13  LYS A N   1 
ATOM   85  C  CA  . LYS A 1 13 ? -1.843  -8.490  0.856   1.00 32.25 ? 13  LYS A CA  1 
ATOM   86  C  C   . LYS A 1 13 ? -0.744  -8.055  -0.096  1.00 31.76 ? 13  LYS A C   1 
ATOM   87  O  O   . LYS A 1 13 ? -0.039  -8.879  -0.647  1.00 33.11 ? 13  LYS A O   1 
ATOM   88  C  CB  . LYS A 1 13 ? -3.196  -8.305  0.194   1.00 30.82 ? 13  LYS A CB  1 
ATOM   89  C  CG  . LYS A 1 13 ? -3.489  -9.465  -0.799  1.00 34.05 ? 13  LYS A CG  1 
ATOM   90  C  CD  . LYS A 1 13 ? -4.632  -9.168  -1.726  1.00 36.49 ? 13  LYS A CD  1 
ATOM   91  C  CE  . LYS A 1 13 ? -5.722  -10.042 -1.415  1.00 40.28 ? 13  LYS A CE  1 
ATOM   92  N  NZ  . LYS A 1 13 ? -5.023  -11.327 -1.178  1.00 44.89 ? 13  LYS A NZ  1 
ATOM   93  N  N   . VAL A 1 14 ? -0.603  -6.756  -0.293  1.00 31.54 ? 14  VAL A N   1 
ATOM   94  C  CA  . VAL A 1 14 ? 0.532   -6.222  -1.069  1.00 31.65 ? 14  VAL A CA  1 
ATOM   95  C  C   . VAL A 1 14 ? 1.919   -6.618  -0.476  1.00 32.99 ? 14  VAL A C   1 
ATOM   96  O  O   . VAL A 1 14 ? 2.809   -7.168  -1.185  1.00 34.08 ? 14  VAL A O   1 
ATOM   97  C  CB  . VAL A 1 14 ? 0.437   -4.677  -1.204  1.00 30.90 ? 14  VAL A CB  1 
ATOM   98  C  CG1 . VAL A 1 14 ? 1.724   -4.113  -1.726  1.00 28.99 ? 14  VAL A CG1 1 
ATOM   99  C  CG2 . VAL A 1 14 ? -0.758  -4.299  -2.107  1.00 26.34 ? 14  VAL A CG2 1 
ATOM   100 N  N   . TYR A 1 15 ? 2.091   -6.359  0.810   1.00 31.80 ? 15  TYR A N   1 
ATOM   101 C  CA  . TYR A 1 15 ? 3.315   -6.770  1.520   1.00 32.26 ? 15  TYR A CA  1 
ATOM   102 C  C   . TYR A 1 15 ? 3.703   -8.240  1.260   1.00 32.94 ? 15  TYR A C   1 
ATOM   103 O  O   . TYR A 1 15 ? 4.830   -8.510  0.971   1.00 32.33 ? 15  TYR A O   1 
ATOM   104 C  CB  . TYR A 1 15 ? 3.152   -6.482  3.023   1.00 31.46 ? 15  TYR A CB  1 
ATOM   105 C  CG  . TYR A 1 15 ? 4.287   -6.949  3.893   1.00 31.16 ? 15  TYR A CG  1 
ATOM   106 C  CD1 . TYR A 1 15 ? 5.387   -6.140  4.115   1.00 28.73 ? 15  TYR A CD1 1 
ATOM   107 C  CD2 . TYR A 1 15 ? 4.204   -8.172  4.562   1.00 30.38 ? 15  TYR A CD2 1 
ATOM   108 C  CE1 . TYR A 1 15 ? 6.426   -6.567  4.865   1.00 30.81 ? 15  TYR A CE1 1 
ATOM   109 C  CE2 . TYR A 1 15 ? 5.233   -8.615  5.377   1.00 31.63 ? 15  TYR A CE2 1 
ATOM   110 C  CZ  . TYR A 1 15 ? 6.354   -7.805  5.526   1.00 31.61 ? 15  TYR A CZ  1 
ATOM   111 O  OH  . TYR A 1 15 ? 7.392   -8.234  6.319   1.00 31.74 ? 15  TYR A OH  1 
ATOM   112 N  N   . SER A 1 16 ? 2.752   -9.177  1.368   1.00 33.23 ? 16  SER A N   1 
ATOM   113 C  CA  . SER A 1 16 ? 3.050   -10.586 1.165   1.00 34.95 ? 16  SER A CA  1 
ATOM   114 C  C   . SER A 1 16 ? 3.487   -10.940 -0.271  1.00 35.15 ? 16  SER A C   1 
ATOM   115 O  O   . SER A 1 16 ? 3.867   -12.082 -0.480  1.00 34.71 ? 16  SER A O   1 
ATOM   116 C  CB  . SER A 1 16 ? 1.845   -11.483 1.562   1.00 34.47 ? 16  SER A CB  1 
ATOM   117 O  OG  . SER A 1 16 ? 0.744   -11.269 0.642   1.00 40.95 ? 16  SER A OG  1 
ATOM   118 N  N   . GLU A 1 17 ? 3.421   -9.995  -1.239  1.00 35.39 ? 17  GLU A N   1 
ATOM   119 C  CA  . GLU A 1 17 ? 3.677   -10.301 -2.639  1.00 36.23 ? 17  GLU A CA  1 
ATOM   120 C  C   . GLU A 1 17 ? 5.165   -10.548 -2.845  1.00 36.95 ? 17  GLU A C   1 
ATOM   121 O  O   . GLU A 1 17 ? 5.985   -9.704  -2.452  1.00 37.78 ? 17  GLU A O   1 
ATOM   122 C  CB  . GLU A 1 17 ? 3.251   -9.132  -3.546  1.00 36.29 ? 17  GLU A CB  1 
ATOM   123 C  CG  . GLU A 1 17 ? 1.753   -8.994  -3.745  1.00 37.48 ? 17  GLU A CG  1 
ATOM   124 C  CD  . GLU A 1 17 ? 1.164   -10.085 -4.649  1.00 41.39 ? 17  GLU A CD  1 
ATOM   125 O  OE1 . GLU A 1 17 ? 1.880   -10.755 -5.438  1.00 41.45 ? 17  GLU A OE1 1 
ATOM   126 O  OE2 . GLU A 1 17 ? -0.051  -10.261 -4.593  1.00 42.47 ? 17  GLU A OE2 1 
ATOM   127 N  N   . GLN A 1 18 ? 5.509   -11.655 -3.512  1.00 38.09 ? 18  GLN A N   1 
ATOM   128 C  CA  . GLN A 1 18 ? 6.927   -12.010 -3.804  1.00 39.15 ? 18  GLN A CA  1 
ATOM   129 C  C   . GLN A 1 18 ? 7.699   -10.853 -4.437  1.00 37.54 ? 18  GLN A C   1 
ATOM   130 O  O   . GLN A 1 18 ? 8.825   -10.586 -4.024  1.00 37.72 ? 18  GLN A O   1 
ATOM   131 C  CB  . GLN A 1 18 ? 7.079   -13.326 -4.613  1.00 39.12 ? 18  GLN A CB  1 
ATOM   132 C  CG  . GLN A 1 18 ? 7.144   -14.640 -3.727  1.00 42.26 ? 18  GLN A CG  1 
ATOM   133 C  CD  . GLN A 1 18 ? 6.863   -15.971 -4.505  1.00 43.87 ? 18  GLN A CD  1 
ATOM   134 O  OE1 . GLN A 1 18 ? 7.766   -16.569 -5.153  1.00 50.10 ? 18  GLN A OE1 1 
ATOM   135 N  NE2 . GLN A 1 18 ? 5.611   -16.449 -4.424  1.00 48.09 ? 18  GLN A NE2 1 
ATOM   136 N  N   . VAL A 1 19 ? 7.082   -10.133 -5.389  1.00 36.85 ? 19  VAL A N   1 
ATOM   137 C  CA  . VAL A 1 19 ? 7.741   -8.973  -6.022  1.00 35.64 ? 19  VAL A CA  1 
ATOM   138 C  C   . VAL A 1 19 ? 7.954   -7.791  -5.062  1.00 34.99 ? 19  VAL A C   1 
ATOM   139 O  O   . VAL A 1 19 ? 8.927   -7.038  -5.216  1.00 35.99 ? 19  VAL A O   1 
ATOM   140 C  CB  . VAL A 1 19 ? 7.073   -8.508  -7.372  1.00 35.78 ? 19  VAL A CB  1 
ATOM   141 C  CG1 . VAL A 1 19 ? 7.022   -9.642  -8.408  1.00 35.94 ? 19  VAL A CG1 1 
ATOM   142 C  CG2 . VAL A 1 19 ? 5.684   -7.942  -7.161  1.00 35.97 ? 19  VAL A CG2 1 
ATOM   143 N  N   . ILE A 1 20 ? 7.093   -7.620  -4.068  1.00 34.18 ? 20  ILE A N   1 
ATOM   144 C  CA  . ILE A 1 20 ? 7.336   -6.622  -3.026  1.00 33.32 ? 20  ILE A CA  1 
ATOM   145 C  C   . ILE A 1 20 ? 8.362   -7.139  -2.036  1.00 33.74 ? 20  ILE A C   1 
ATOM   146 O  O   . ILE A 1 20 ? 9.247   -6.368  -1.621  1.00 34.17 ? 20  ILE A O   1 
ATOM   147 C  CB  . ILE A 1 20 ? 6.072   -6.262  -2.256  1.00 33.91 ? 20  ILE A CB  1 
ATOM   148 C  CG1 . ILE A 1 20 ? 5.065   -5.614  -3.200  1.00 35.50 ? 20  ILE A CG1 1 
ATOM   149 C  CG2 . ILE A 1 20 ? 6.383   -5.383  -1.025  1.00 30.21 ? 20  ILE A CG2 1 
ATOM   150 C  CD1 . ILE A 1 20 ? 5.374   -4.161  -3.477  1.00 37.04 ? 20  ILE A CD1 1 
ATOM   151 N  N   . GLN A 1 21 ? 8.269   -8.415  -1.646  1.00 32.76 ? 21  GLN A N   1 
ATOM   152 C  CA  . GLN A 1 21 ? 9.292   -8.976  -0.736  1.00 34.14 ? 21  GLN A CA  1 
ATOM   153 C  C   . GLN A 1 21 ? 10.739  -8.927  -1.266  1.00 34.47 ? 21  GLN A C   1 
ATOM   154 O  O   . GLN A 1 21 ? 11.712  -8.799  -0.508  1.00 34.32 ? 21  GLN A O   1 
ATOM   155 C  CB  . GLN A 1 21 ? 8.955   -10.420 -0.327  1.00 33.67 ? 21  GLN A CB  1 
ATOM   156 C  CG  . GLN A 1 21 ? 7.788   -10.501 0.609   1.00 33.37 ? 21  GLN A CG  1 
ATOM   157 C  CD  . GLN A 1 21 ? 8.133   -10.223 2.037   1.00 35.43 ? 21  GLN A CD  1 
ATOM   158 O  OE1 . GLN A 1 21 ? 7.495   -9.377  2.667   1.00 37.64 ? 21  GLN A OE1 1 
ATOM   159 N  NE2 . GLN A 1 21 ? 9.123   -10.937 2.580   1.00 31.53 ? 21  GLN A NE2 1 
ATOM   160 N  N   . ALA A 1 22 ? 10.851  -9.066  -2.581  1.00 35.02 ? 22  ALA A N   1 
ATOM   161 C  CA  . ALA A 1 22 ? 12.128  -9.058  -3.298  1.00 34.52 ? 22  ALA A CA  1 
ATOM   162 C  C   . ALA A 1 22 ? 12.744  -7.647  -3.421  1.00 34.58 ? 22  ALA A C   1 
ATOM   163 O  O   . ALA A 1 22 ? 13.833  -7.509  -3.959  1.00 34.35 ? 22  ALA A O   1 
ATOM   164 C  CB  . ALA A 1 22 ? 11.904  -9.645  -4.691  1.00 34.15 ? 22  ALA A CB  1 
ATOM   165 N  N   . ASP A 1 23 ? 12.034  -6.614  -2.963  1.00 33.96 ? 23  ASP A N   1 
ATOM   166 C  CA  . ASP A 1 23 ? 12.460  -5.228  -3.119  1.00 34.73 ? 23  ASP A CA  1 
ATOM   167 C  C   . ASP A 1 23 ? 12.466  -4.508  -1.784  1.00 35.45 ? 23  ASP A C   1 
ATOM   168 O  O   . ASP A 1 23 ? 11.383  -4.144  -1.244  1.00 35.70 ? 23  ASP A O   1 
ATOM   169 C  CB  . ASP A 1 23 ? 11.547  -4.470  -4.066  1.00 35.14 ? 23  ASP A CB  1 
ATOM   170 C  CG  . ASP A 1 23 ? 12.062  -3.091  -4.345  1.00 37.19 ? 23  ASP A CG  1 
ATOM   171 O  OD1 . ASP A 1 23 ? 12.396  -2.779  -5.507  1.00 43.45 ? 23  ASP A OD1 1 
ATOM   172 O  OD2 . ASP A 1 23 ? 12.168  -2.305  -3.408  1.00 39.48 ? 23  ASP A OD2 1 
ATOM   173 N  N   . ASP A 1 24 ? 13.678  -4.267  -1.272  1.00 35.16 ? 24  ASP A N   1 
ATOM   174 C  CA  . ASP A 1 24 ? 13.859  -3.787  0.080   1.00 34.43 ? 24  ASP A CA  1 
ATOM   175 C  C   . ASP A 1 24 ? 13.194  -2.434  0.363   1.00 34.04 ? 24  ASP A C   1 
ATOM   176 O  O   . ASP A 1 24 ? 12.719  -2.217  1.468   1.00 31.90 ? 24  ASP A O   1 
ATOM   177 C  CB  . ASP A 1 24 ? 15.335  -3.772  0.390   1.00 34.35 ? 24  ASP A CB  1 
ATOM   178 C  CG  . ASP A 1 24 ? 15.924  -5.174  0.430   1.00 38.16 ? 24  ASP A CG  1 
ATOM   179 O  OD1 . ASP A 1 24 ? 15.161  -6.177  0.589   1.00 40.68 ? 24  ASP A OD1 1 
ATOM   180 O  OD2 . ASP A 1 24 ? 17.167  -5.295  0.342   1.00 41.41 ? 24  ASP A OD2 1 
ATOM   181 N  N   . TYR A 1 25 ? 13.152  -1.529  -0.634  1.00 34.50 ? 25  TYR A N   1 
ATOM   182 C  CA  . TYR A 1 25 ? 12.507  -0.208  -0.444  1.00 33.10 ? 25  TYR A CA  1 
ATOM   183 C  C   . TYR A 1 25 ? 10.966  -0.287  -0.353  1.00 32.95 ? 25  TYR A C   1 
ATOM   184 O  O   . TYR A 1 25 ? 10.354  0.208   0.597   1.00 31.85 ? 25  TYR A O   1 
ATOM   185 C  CB  . TYR A 1 25 ? 12.950  0.790   -1.506  1.00 32.63 ? 25  TYR A CB  1 
ATOM   186 C  CG  . TYR A 1 25 ? 12.077  2.006   -1.525  1.00 31.54 ? 25  TYR A CG  1 
ATOM   187 C  CD1 . TYR A 1 25 ? 12.248  3.000   -0.587  1.00 30.84 ? 25  TYR A CD1 1 
ATOM   188 C  CD2 . TYR A 1 25 ? 11.025  2.124   -2.426  1.00 30.19 ? 25  TYR A CD2 1 
ATOM   189 C  CE1 . TYR A 1 25 ? 11.428  4.123   -0.576  1.00 28.74 ? 25  TYR A CE1 1 
ATOM   190 C  CE2 . TYR A 1 25 ? 10.219  3.248   -2.460  1.00 30.22 ? 25  TYR A CE2 1 
ATOM   191 C  CZ  . TYR A 1 25 ? 10.425  4.242   -1.520  1.00 32.64 ? 25  TYR A CZ  1 
ATOM   192 O  OH  . TYR A 1 25 ? 9.631   5.362   -1.482  1.00 32.25 ? 25  TYR A OH  1 
ATOM   193 N  N   . PHE A 1 26 ? 10.338  -0.937  -1.313  1.00 31.64 ? 26  PHE A N   1 
ATOM   194 C  CA  . PHE A 1 26 ? 8.892   -1.086  -1.225  1.00 31.86 ? 26  PHE A CA  1 
ATOM   195 C  C   . PHE A 1 26 ? 8.455   -1.948  -0.044  1.00 31.56 ? 26  PHE A C   1 
ATOM   196 O  O   . PHE A 1 26 ? 7.487   -1.612  0.627   1.00 31.80 ? 26  PHE A O   1 
ATOM   197 C  CB  . PHE A 1 26 ? 8.261   -1.564  -2.555  1.00 29.61 ? 26  PHE A CB  1 
ATOM   198 C  CG  . PHE A 1 26 ? 8.332   -0.524  -3.656  1.00 30.18 ? 26  PHE A CG  1 
ATOM   199 C  CD1 . PHE A 1 26 ? 7.492   0.587   -3.630  1.00 25.78 ? 26  PHE A CD1 1 
ATOM   200 C  CD2 . PHE A 1 26 ? 9.280   -0.632  -4.711  1.00 25.44 ? 26  PHE A CD2 1 
ATOM   201 C  CE1 . PHE A 1 26 ? 7.550   1.536   -4.639  1.00 25.70 ? 26  PHE A CE1 1 
ATOM   202 C  CE2 . PHE A 1 26 ? 9.317   0.338   -5.724  1.00 24.56 ? 26  PHE A CE2 1 
ATOM   203 C  CZ  . PHE A 1 26 ? 8.464   1.410   -5.676  1.00 23.58 ? 26  PHE A CZ  1 
ATOM   204 N  N   . ARG A 1 27 ? 9.167   -3.040  0.225   1.00 31.99 ? 27  ARG A N   1 
ATOM   205 C  CA  . ARG A 1 27 ? 8.771   -3.915  1.361   1.00 31.34 ? 27  ARG A CA  1 
ATOM   206 C  C   . ARG A 1 27 ? 8.705   -3.157  2.691   1.00 32.36 ? 27  ARG A C   1 
ATOM   207 O  O   . ARG A 1 27 ? 7.735   -3.341  3.465   1.00 32.08 ? 27  ARG A O   1 
ATOM   208 C  CB  . ARG A 1 27 ? 9.685   -5.101  1.531   1.00 31.11 ? 27  ARG A CB  1 
ATOM   209 C  CG  . ARG A 1 27 ? 9.094   -6.191  2.411   1.00 32.06 ? 27  ARG A CG  1 
ATOM   210 C  CD  . ARG A 1 27 ? 10.136  -6.968  3.210   1.00 36.49 ? 27  ARG A CD  1 
ATOM   211 N  NE  . ARG A 1 27 ? 11.146  -6.058  3.739   1.00 42.93 ? 27  ARG A NE  1 
ATOM   212 C  CZ  . ARG A 1 27 ? 12.132  -6.385  4.564   1.00 50.24 ? 27  ARG A CZ  1 
ATOM   213 N  NH1 . ARG A 1 27 ? 12.262  -7.621  5.049   1.00 51.55 ? 27  ARG A NH1 1 
ATOM   214 N  NH2 . ARG A 1 27 ? 12.990  -5.450  4.932   1.00 54.50 ? 27  ARG A NH2 1 
ATOM   215 N  N   . GLN A 1 28 ? 9.755   -2.368  2.976   1.00 32.07 ? 28  GLN A N   1 
ATOM   216 C  CA  . GLN A 1 28 ? 9.896   -1.600  4.217   1.00 32.33 ? 28  GLN A CA  1 
ATOM   217 C  C   . GLN A 1 28 ? 8.876   -0.452  4.292   1.00 31.83 ? 28  GLN A C   1 
ATOM   218 O  O   . GLN A 1 28 ? 8.196   -0.243  5.278   1.00 32.26 ? 28  GLN A O   1 
ATOM   219 C  CB  . GLN A 1 28 ? 11.308  -1.020  4.275   1.00 33.20 ? 28  GLN A CB  1 
ATOM   220 C  CG  . GLN A 1 28 ? 11.620  -0.293  5.596   1.00 36.36 ? 28  GLN A CG  1 
ATOM   221 C  CD  . GLN A 1 28 ? 12.999  0.265   5.594   1.00 41.27 ? 28  GLN A CD  1 
ATOM   222 O  OE1 . GLN A 1 28 ? 13.923  -0.296  4.960   1.00 42.43 ? 28  GLN A OE1 1 
ATOM   223 N  NE2 . GLN A 1 28 ? 13.166  1.383   6.271   1.00 39.55 ? 28  GLN A NE2 1 
ATOM   224 N  N   . ALA A 1 29 ? 8.792   0.292   3.208   1.00 30.69 ? 29  ALA A N   1 
ATOM   225 C  CA  . ALA A 1 29 ? 7.776   1.304   3.020   1.00 30.53 ? 29  ALA A CA  1 
ATOM   226 C  C   . ALA A 1 29 ? 6.363   0.792   3.335   1.00 30.76 ? 29  ALA A C   1 
ATOM   227 O  O   . ALA A 1 29 ? 5.633   1.374   4.191   1.00 30.17 ? 29  ALA A O   1 
ATOM   228 C  CB  . ALA A 1 29 ? 7.860   1.868   1.596   1.00 29.31 ? 29  ALA A CB  1 
ATOM   229 N  N   . ILE A 1 30 ? 5.956   -0.281  2.664   1.00 30.64 ? 30  ILE A N   1 
ATOM   230 C  CA  . ILE A 1 30 ? 4.616   -0.841  2.959   1.00 31.37 ? 30  ILE A CA  1 
ATOM   231 C  C   . ILE A 1 30 ? 4.515   -1.242  4.442   1.00 31.99 ? 30  ILE A C   1 
ATOM   232 O  O   . ILE A 1 30 ? 3.504   -0.941  5.156   1.00 31.96 ? 30  ILE A O   1 
ATOM   233 C  CB  . ILE A 1 30 ? 4.263   -2.055  2.014   1.00 32.17 ? 30  ILE A CB  1 
ATOM   234 C  CG1 . ILE A 1 30 ? 4.178   -1.613  0.524   1.00 30.21 ? 30  ILE A CG1 1 
ATOM   235 C  CG2 . ILE A 1 30 ? 3.013   -2.843  2.550   1.00 31.03 ? 30  ILE A CG2 1 
ATOM   236 C  CD1 . ILE A 1 30 ? 3.077   -0.574  0.277   1.00 31.86 ? 30  ILE A CD1 1 
ATOM   237 N  N   . PHE A 1 31 ? 5.600   -1.849  4.925   1.00 31.66 ? 31  PHE A N   1 
ATOM   238 C  CA  . PHE A 1 31 ? 5.633   -2.326  6.272   1.00 31.03 ? 31  PHE A CA  1 
ATOM   239 C  C   . PHE A 1 31 ? 5.419   -1.141  7.242   1.00 31.34 ? 31  PHE A C   1 
ATOM   240 O  O   . PHE A 1 31 ? 4.707   -1.264  8.256   1.00 30.65 ? 31  PHE A O   1 
ATOM   241 C  CB  . PHE A 1 31 ? 6.934   -3.063  6.547   1.00 31.02 ? 31  PHE A CB  1 
ATOM   242 C  CG  . PHE A 1 31 ? 7.192   -3.252  8.004   1.00 34.04 ? 31  PHE A CG  1 
ATOM   243 C  CD1 . PHE A 1 31 ? 6.462   -4.183  8.733   1.00 32.56 ? 31  PHE A CD1 1 
ATOM   244 C  CD2 . PHE A 1 31 ? 8.105   -2.430  8.668   1.00 37.08 ? 31  PHE A CD2 1 
ATOM   245 C  CE1 . PHE A 1 31 ? 6.652   -4.331  10.113  1.00 33.22 ? 31  PHE A CE1 1 
ATOM   246 C  CE2 . PHE A 1 31 ? 8.331   -2.575  10.073  1.00 36.04 ? 31  PHE A CE2 1 
ATOM   247 C  CZ  . PHE A 1 31 ? 7.588   -3.528  10.780  1.00 34.64 ? 31  PHE A CZ  1 
ATOM   248 N  N   . GLU A 1 32 ? 6.015   0.006   6.927   1.00 30.46 ? 32  GLU A N   1 
ATOM   249 C  CA  . GLU A 1 32 ? 5.950   1.131   7.829   1.00 30.89 ? 32  GLU A CA  1 
ATOM   250 C  C   . GLU A 1 32 ? 4.605   1.823   7.840   1.00 30.58 ? 32  GLU A C   1 
ATOM   251 O  O   . GLU A 1 32 ? 4.127   2.228   8.865   1.00 30.85 ? 32  GLU A O   1 
ATOM   252 C  CB  . GLU A 1 32 ? 7.036   2.138   7.510   1.00 29.54 ? 32  GLU A CB  1 
ATOM   253 C  CG  . GLU A 1 32 ? 8.373   1.650   7.886   1.00 34.48 ? 32  GLU A CG  1 
ATOM   254 C  CD  . GLU A 1 32 ? 9.479   2.724   7.813   1.00 42.53 ? 32  GLU A CD  1 
ATOM   255 O  OE1 . GLU A 1 32 ? 9.157   3.942   7.922   1.00 45.56 ? 32  GLU A OE1 1 
ATOM   256 O  OE2 . GLU A 1 32 ? 10.674  2.340   7.677   1.00 43.47 ? 32  GLU A OE2 1 
ATOM   257 N  N   . LEU A 1 33 ? 4.029   1.995   6.663   1.00 31.20 ? 33  LEU A N   1 
ATOM   258 C  CA  . LEU A 1 33 ? 2.716   2.529   6.514   1.00 32.03 ? 33  LEU A CA  1 
ATOM   259 C  C   . LEU A 1 33 ? 1.700   1.617   7.236   1.00 32.30 ? 33  LEU A C   1 
ATOM   260 O  O   . LEU A 1 33 ? 0.868   2.109   8.037   1.00 31.26 ? 33  LEU A O   1 
ATOM   261 C  CB  . LEU A 1 33 ? 2.398   2.685   5.010   1.00 32.34 ? 33  LEU A CB  1 
ATOM   262 C  CG  . LEU A 1 33 ? 3.401   3.620   4.299   1.00 34.22 ? 33  LEU A CG  1 
ATOM   263 C  CD1 . LEU A 1 33 ? 3.191   3.832   2.773   1.00 30.18 ? 33  LEU A CD1 1 
ATOM   264 C  CD2 . LEU A 1 33 ? 3.416   4.997   4.996   1.00 37.60 ? 33  LEU A CD2 1 
ATOM   265 N  N   . ALA A 1 34 ? 1.760   0.304   6.987   1.00 32.32 ? 34  ALA A N   1 
ATOM   266 C  CA  . ALA A 1 34 ? 0.820   -0.637  7.681   1.00 32.80 ? 34  ALA A CA  1 
ATOM   267 C  C   . ALA A 1 34 ? 1.001   -0.550  9.191   1.00 34.90 ? 34  ALA A C   1 
ATOM   268 O  O   . ALA A 1 34 ? 0.000   -0.568  9.912   1.00 35.83 ? 34  ALA A O   1 
ATOM   269 C  CB  . ALA A 1 34 ? 0.977   -2.033  7.223   1.00 31.49 ? 34  ALA A CB  1 
ATOM   270 N  N   . SER A 1 35 ? 2.238   -0.403  9.700   1.00 35.42 ? 35  SER A N   1 
ATOM   271 C  CA  . SER A 1 35 ? 2.416   -0.257  11.143  1.00 35.87 ? 35  SER A CA  1 
ATOM   272 C  C   . SER A 1 35 ? 1.833   1.034   11.679  1.00 36.21 ? 35  SER A C   1 
ATOM   273 O  O   . SER A 1 35 ? 1.324   1.063   12.804  1.00 36.00 ? 35  SER A O   1 
ATOM   274 C  CB  . SER A 1 35 ? 3.877   -0.304  11.552  1.00 36.31 ? 35  SER A CB  1 
ATOM   275 O  OG  . SER A 1 35 ? 4.489   -1.403  10.889  1.00 41.98 ? 35  SER A OG  1 
ATOM   276 N  N   . GLN A 1 36 ? 1.947   2.112   10.914  1.00 35.89 ? 36  GLN A N   1 
ATOM   277 C  CA  . GLN A 1 36 ? 1.418   3.374   11.373  1.00 36.43 ? 36  GLN A CA  1 
ATOM   278 C  C   . GLN A 1 36 ? -0.105  3.296   11.467  1.00 36.18 ? 36  GLN A C   1 
ATOM   279 O  O   . GLN A 1 36 ? -0.704  3.769   12.421  1.00 34.62 ? 36  GLN A O   1 
ATOM   280 C  CB  . GLN A 1 36 ? 1.901   4.504   10.474  1.00 35.03 ? 36  GLN A CB  1 
ATOM   281 C  CG  . GLN A 1 36 ? 1.258   5.853   10.802  1.00 37.52 ? 36  GLN A CG  1 
ATOM   282 C  CD  . GLN A 1 36 ? 1.664   6.993   9.813   1.00 39.50 ? 36  GLN A CD  1 
ATOM   283 O  OE1 . GLN A 1 36 ? 1.050   8.092   9.809   1.00 41.50 ? 36  GLN A OE1 1 
ATOM   284 N  NE2 . GLN A 1 36 ? 2.693   6.731   8.978   1.00 38.95 ? 36  GLN A NE2 1 
ATOM   285 N  N   . LEU A 1 37 ? -0.718  2.696   10.454  1.00 36.69 ? 37  LEU A N   1 
ATOM   286 C  CA  . LEU A 1 37 ? -2.153  2.455   10.411  1.00 38.03 ? 37  LEU A CA  1 
ATOM   287 C  C   . LEU A 1 37 ? -2.577  1.605   11.591  1.00 39.32 ? 37  LEU A C   1 
ATOM   288 O  O   . LEU A 1 37 ? -3.446  1.979   12.380  1.00 39.39 ? 37  LEU A O   1 
ATOM   289 C  CB  . LEU A 1 37 ? -2.511  1.664   9.162   1.00 36.53 ? 37  LEU A CB  1 
ATOM   290 C  CG  . LEU A 1 37 ? -3.759  2.000   8.362   1.00 37.34 ? 37  LEU A CG  1 
ATOM   291 C  CD1 . LEU A 1 37 ? -4.147  0.836   7.484   1.00 37.49 ? 37  LEU A CD1 1 
ATOM   292 C  CD2 . LEU A 1 37 ? -4.924  2.427   9.211   1.00 36.00 ? 37  LEU A CD2 1 
ATOM   293 N  N   . GLU A 1 38 ? -1.985  0.436   11.697  1.00 40.87 ? 38  GLU A N   1 
ATOM   294 C  CA  . GLU A 1 38 ? -2.321  -0.418  12.810  1.00 43.83 ? 38  GLU A CA  1 
ATOM   295 C  C   . GLU A 1 38 ? -2.259  0.329   14.136  1.00 45.07 ? 38  GLU A C   1 
ATOM   296 O  O   . GLU A 1 38 ? -3.166  0.210   14.967  1.00 45.44 ? 38  GLU A O   1 
ATOM   297 C  CB  . GLU A 1 38 ? -1.386  -1.590  12.845  1.00 44.14 ? 38  GLU A CB  1 
ATOM   298 C  CG  . GLU A 1 38 ? -1.888  -2.693  13.714  1.00 47.95 ? 38  GLU A CG  1 
ATOM   299 C  CD  . GLU A 1 38 ? -1.167  -3.960  13.374  1.00 53.32 ? 38  GLU A CD  1 
ATOM   300 O  OE1 . GLU A 1 38 ? -0.080  -3.846  12.740  1.00 54.77 ? 38  GLU A OE1 1 
ATOM   301 O  OE2 . GLU A 1 38 ? -1.682  -5.050  13.725  1.00 55.94 ? 38  GLU A OE2 1 
ATOM   302 N  N   . LYS A 1 39 ? -1.183  1.090   14.329  1.00 46.04 ? 39  LYS A N   1 
ATOM   303 C  CA  . LYS A 1 39 ? -0.931  1.781   15.583  1.00 47.85 ? 39  LYS A CA  1 
ATOM   304 C  C   . LYS A 1 39 ? -1.912  2.944   15.759  1.00 47.67 ? 39  LYS A C   1 
ATOM   305 O  O   . LYS A 1 39 ? -2.733  2.891   16.651  1.00 48.31 ? 39  LYS A O   1 
ATOM   306 C  CB  . LYS A 1 39 ? 0.533   2.250   15.688  1.00 47.56 ? 39  LYS A CB  1 
ATOM   307 C  CG  . LYS A 1 39 ? 0.793   3.333   16.783  1.00 50.59 ? 39  LYS A CG  1 
ATOM   308 C  CD  . LYS A 1 39 ? 2.049   4.217   16.459  1.00 50.52 ? 39  LYS A CD  1 
ATOM   309 C  CE  . LYS A 1 39 ? 1.967   4.898   15.056  1.00 53.00 ? 39  LYS A CE  1 
ATOM   310 N  NZ  . LYS A 1 39 ? 3.282   5.195   14.359  1.00 53.35 ? 39  LYS A NZ  1 
ATOM   311 N  N   . GLU A 1 40 ? -1.842  3.973   14.911  1.00 47.51 ? 40  GLU A N   1 
ATOM   312 C  CA  . GLU A 1 40 ? -2.619  5.211   15.094  1.00 46.80 ? 40  GLU A CA  1 
ATOM   313 C  C   . GLU A 1 40 ? -3.994  5.187   14.433  1.00 45.49 ? 40  GLU A C   1 
ATOM   314 O  O   . GLU A 1 40 ? -4.793  6.089   14.684  1.00 45.81 ? 40  GLU A O   1 
ATOM   315 C  CB  . GLU A 1 40 ? -1.873  6.411   14.495  1.00 47.08 ? 40  GLU A CB  1 
ATOM   316 C  CG  . GLU A 1 40 ? -0.723  7.047   15.307  1.00 49.51 ? 40  GLU A CG  1 
ATOM   317 C  CD  . GLU A 1 40 ? 0.136   8.047   14.466  1.00 49.78 ? 40  GLU A CD  1 
ATOM   318 O  OE1 . GLU A 1 40 ? -0.243  8.394   13.313  1.00 51.51 ? 40  GLU A OE1 1 
ATOM   319 O  OE2 . GLU A 1 40 ? 1.192   8.495   14.976  1.00 52.97 ? 40  GLU A OE2 1 
ATOM   320 N  N   . GLY A 1 41 ? -4.278  4.220   13.563  1.00 43.17 ? 41  GLY A N   1 
ATOM   321 C  CA  . GLY A 1 41 ? -5.451  4.366   12.693  1.00 41.76 ? 41  GLY A CA  1 
ATOM   322 C  C   . GLY A 1 41 ? -5.239  5.196   11.410  1.00 40.43 ? 41  GLY A C   1 
ATOM   323 O  O   . GLY A 1 41 ? -4.141  5.628   11.113  1.00 39.95 ? 41  GLY A O   1 
HETATM 324 N  N   . MSE A 1 42 ? -6.305  5.410   10.645  1.00 39.72 ? 42  MSE A N   1 
HETATM 325 C  CA  . MSE A 1 42 ? -6.236  6.024   9.304   1.00 39.23 ? 42  MSE A CA  1 
HETATM 326 C  C   . MSE A 1 42 ? -6.232  7.519   9.393   1.00 38.41 ? 42  MSE A C   1 
HETATM 327 O  O   . MSE A 1 42 ? -6.764  8.113   10.329  1.00 38.83 ? 42  MSE A O   1 
HETATM 328 C  CB  . MSE A 1 42 ? -7.454  5.586   8.476   1.00 39.80 ? 42  MSE A CB  1 
HETATM 329 C  CG  . MSE A 1 42 ? -7.388  5.861   7.032   1.00 41.69 ? 42  MSE A CG  1 
HETATM 330 SE SE  . MSE A 1 42 ? -5.874  4.952   6.102   1.00 52.14 ? 42  MSE A SE  1 
HETATM 331 C  CE  . MSE A 1 42 ? -5.357  6.337   5.398   1.00 38.31 ? 42  MSE A CE  1 
ATOM   332 N  N   . SER A 1 43 ? -5.689  8.157   8.387   1.00 37.92 ? 43  SER A N   1 
ATOM   333 C  CA  . SER A 1 43 ? -5.736  9.603   8.343   1.00 37.49 ? 43  SER A CA  1 
ATOM   334 C  C   . SER A 1 43 ? -5.576  10.013  6.898   1.00 36.66 ? 43  SER A C   1 
ATOM   335 O  O   . SER A 1 43 ? -5.106  9.230   6.086   1.00 36.75 ? 43  SER A O   1 
ATOM   336 C  CB  . SER A 1 43 ? -4.618  10.203  9.215   1.00 37.41 ? 43  SER A CB  1 
ATOM   337 O  OG  . SER A 1 43 ? -3.363  9.723   8.774   1.00 37.21 ? 43  SER A OG  1 
ATOM   338 N  N   . SER A 1 44 ? -6.043  11.215  6.606   1.00 36.16 ? 44  SER A N   1 
ATOM   339 C  CA  . SER A 1 44 ? -5.827  11.970  5.391   1.00 36.63 ? 44  SER A CA  1 
ATOM   340 C  C   . SER A 1 44 ? -4.377  11.879  4.955   1.00 37.36 ? 44  SER A C   1 
ATOM   341 O  O   . SER A 1 44 ? -4.078  11.468  3.822   1.00 38.13 ? 44  SER A O   1 
ATOM   342 C  CB  . SER A 1 44 ? -6.117  13.429  5.727   1.00 36.60 ? 44  SER A CB  1 
ATOM   343 O  OG  . SER A 1 44 ? -6.396  14.206  4.589   1.00 38.10 ? 44  SER A OG  1 
ATOM   344 N  N   . LEU A 1 45 ? -3.478  12.254  5.869   1.00 36.75 ? 45  LEU A N   1 
ATOM   345 C  CA  . LEU A 1 45 ? -2.054  12.195  5.649   1.00 36.81 ? 45  LEU A CA  1 
ATOM   346 C  C   . LEU A 1 45 ? -1.567  10.827  5.191   1.00 35.96 ? 45  LEU A C   1 
ATOM   347 O  O   . LEU A 1 45 ? -0.866  10.710  4.175   1.00 36.31 ? 45  LEU A O   1 
ATOM   348 C  CB  . LEU A 1 45 ? -1.370  12.567  6.939   1.00 37.35 ? 45  LEU A CB  1 
ATOM   349 C  CG  . LEU A 1 45 ? 0.029   13.101  6.732   1.00 41.15 ? 45  LEU A CG  1 
ATOM   350 C  CD1 . LEU A 1 45 ? -0.014  14.330  5.834   1.00 43.76 ? 45  LEU A CD1 1 
ATOM   351 C  CD2 . LEU A 1 45 ? 0.643   13.433  8.098   1.00 43.56 ? 45  LEU A CD2 1 
ATOM   352 N  N   . LEU A 1 46 ? -1.950  9.796   5.939   1.00 35.21 ? 46  LEU A N   1 
ATOM   353 C  CA  . LEU A 1 46 ? -1.503  8.434   5.695   1.00 34.63 ? 46  LEU A CA  1 
ATOM   354 C  C   . LEU A 1 46 ? -2.035  7.930   4.328   1.00 33.97 ? 46  LEU A C   1 
ATOM   355 O  O   . LEU A 1 46 ? -1.337  7.227   3.584   1.00 33.64 ? 46  LEU A O   1 
ATOM   356 C  CB  . LEU A 1 46 ? -1.903  7.522   6.871   1.00 34.22 ? 46  LEU A CB  1 
ATOM   357 C  CG  . LEU A 1 46 ? -1.571  6.009   6.852   1.00 35.70 ? 46  LEU A CG  1 
ATOM   358 C  CD1 . LEU A 1 46 ? -0.116  5.731   6.583   1.00 34.53 ? 46  LEU A CD1 1 
ATOM   359 C  CD2 . LEU A 1 46 ? -1.911  5.363   8.162   1.00 34.45 ? 46  LEU A CD2 1 
ATOM   360 N  N   . ALA A 1 47 ? -3.269  8.318   4.022   1.00 32.20 ? 47  ALA A N   1 
ATOM   361 C  CA  . ALA A 1 47 ? -3.907  7.978   2.778   1.00 32.87 ? 47  ALA A CA  1 
ATOM   362 C  C   . ALA A 1 47 ? -3.004  8.487   1.668   1.00 31.75 ? 47  ALA A C   1 
ATOM   363 O  O   . ALA A 1 47 ? -2.673  7.766   0.738   1.00 31.32 ? 47  ALA A O   1 
ATOM   364 C  CB  . ALA A 1 47 ? -5.279  8.676   2.696   1.00 32.46 ? 47  ALA A CB  1 
ATOM   365 N  N   . THR A 1 48 ? -2.589  9.740   1.834   1.00 32.09 ? 48  THR A N   1 
ATOM   366 C  CA  . THR A 1 48 ? -1.740  10.463  0.888   1.00 31.33 ? 48  THR A CA  1 
ATOM   367 C  C   . THR A 1 48 ? -0.435  9.788   0.681   1.00 30.95 ? 48  THR A C   1 
ATOM   368 O  O   . THR A 1 48 ? -0.045  9.632   -0.493  1.00 31.80 ? 48  THR A O   1 
ATOM   369 C  CB  . THR A 1 48 ? -1.535  11.863  1.342   1.00 31.45 ? 48  THR A CB  1 
ATOM   370 O  OG1 . THR A 1 48 ? -2.771  12.538  1.118   1.00 33.01 ? 48  THR A OG1 1 
ATOM   371 C  CG2 . THR A 1 48 ? -0.499  12.572  0.465   1.00 32.56 ? 48  THR A CG2 1 
ATOM   372 N  N   . LYS A 1 49 ? 0.200   9.356   1.804   1.00 29.39 ? 49  LYS A N   1 
ATOM   373 C  CA  . LYS A 1 49 ? 1.444   8.630   1.781   1.00 29.70 ? 49  LYS A CA  1 
ATOM   374 C  C   . LYS A 1 49 ? 1.330   7.277   1.097   1.00 28.68 ? 49  LYS A C   1 
ATOM   375 O  O   . LYS A 1 49 ? 2.159   6.947   0.277   1.00 29.40 ? 49  LYS A O   1 
ATOM   376 C  CB  . LYS A 1 49 ? 2.073   8.474   3.162   1.00 29.20 ? 49  LYS A CB  1 
ATOM   377 C  CG  . LYS A 1 49 ? 2.358   9.764   3.883   1.00 31.66 ? 49  LYS A CG  1 
ATOM   378 C  CD  . LYS A 1 49 ? 2.907   9.467   5.272   1.00 31.75 ? 49  LYS A CD  1 
ATOM   379 C  CE  . LYS A 1 49 ? 3.003   10.740  6.142   1.00 35.31 ? 49  LYS A CE  1 
ATOM   380 N  NZ  . LYS A 1 49 ? 3.538   11.987  5.437   1.00 37.23 ? 49  LYS A NZ  1 
ATOM   381 N  N   . ILE A 1 50 ? 0.324   6.487   1.410   1.00 28.22 ? 50  ILE A N   1 
ATOM   382 C  CA  . ILE A 1 50 ? 0.184   5.202   0.700   1.00 27.81 ? 50  ILE A CA  1 
ATOM   383 C  C   . ILE A 1 50 ? -0.098  5.452   -0.782  1.00 27.96 ? 50  ILE A C   1 
ATOM   384 O  O   . ILE A 1 50 ? 0.520   4.875   -1.654  1.00 28.80 ? 50  ILE A O   1 
ATOM   385 C  CB  . ILE A 1 50 ? -0.942  4.338   1.314   1.00 28.56 ? 50  ILE A CB  1 
ATOM   386 C  CG1 . ILE A 1 50 ? -0.640  3.910   2.788   1.00 27.60 ? 50  ILE A CG1 1 
ATOM   387 C  CG2 . ILE A 1 50 ? -1.258  3.067   0.400   1.00 29.56 ? 50  ILE A CG2 1 
ATOM   388 C  CD1 . ILE A 1 50 ? -1.914  3.720   3.713   1.00 28.01 ? 50  ILE A CD1 1 
ATOM   389 N  N   . ASP A 1 51 ? -1.005  6.363   -1.071  1.00 27.97 ? 51  ASP A N   1 
ATOM   390 C  CA  . ASP A 1 51 ? -1.262  6.739   -2.469  1.00 29.51 ? 51  ASP A CA  1 
ATOM   391 C  C   . ASP A 1 51 ? 0.036   7.044   -3.256  1.00 29.36 ? 51  ASP A C   1 
ATOM   392 O  O   . ASP A 1 51 ? 0.255   6.438   -4.336  1.00 29.96 ? 51  ASP A O   1 
ATOM   393 C  CB  . ASP A 1 51 ? -2.251  7.896   -2.552  1.00 29.24 ? 51  ASP A CB  1 
ATOM   394 C  CG  . ASP A 1 51 ? -2.830  8.064   -3.927  1.00 31.40 ? 51  ASP A CG  1 
ATOM   395 O  OD1 . ASP A 1 51 ? -3.179  7.070   -4.564  1.00 36.37 ? 51  ASP A OD1 1 
ATOM   396 O  OD2 . ASP A 1 51 ? -2.941  9.203   -4.386  1.00 35.99 ? 51  ASP A OD2 1 
ATOM   397 N  N   . SER A 1 52 ? 0.878   7.924   -2.698  1.00 28.52 ? 52  SER A N   1 
ATOM   398 C  CA  . SER A 1 52 ? 2.121   8.303   -3.323  1.00 30.36 ? 52  SER A CA  1 
ATOM   399 C  C   . SER A 1 52 ? 3.006   7.085   -3.521  1.00 31.49 ? 52  SER A C   1 
ATOM   400 O  O   . SER A 1 52 ? 3.609   6.960   -4.598  1.00 32.04 ? 52  SER A O   1 
ATOM   401 C  CB  . SER A 1 52 ? 2.895   9.321   -2.484  1.00 30.00 ? 52  SER A CB  1 
ATOM   402 O  OG  . SER A 1 52 ? 2.195   10.573  -2.379  1.00 33.96 ? 52  SER A OG  1 
ATOM   403 N  N   . LEU A 1 53 ? 3.110   6.221   -2.493  1.00 31.15 ? 53  LEU A N   1 
ATOM   404 C  CA  . LEU A 1 53 ? 3.967   5.034   -2.598  1.00 31.40 ? 53  LEU A CA  1 
ATOM   405 C  C   . LEU A 1 53 ? 3.446   4.050   -3.691  1.00 31.52 ? 53  LEU A C   1 
ATOM   406 O  O   . LEU A 1 53 ? 4.214   3.584   -4.538  1.00 32.33 ? 53  LEU A O   1 
ATOM   407 C  CB  . LEU A 1 53 ? 4.131   4.353   -1.223  1.00 31.03 ? 53  LEU A CB  1 
ATOM   408 C  CG  . LEU A 1 53 ? 4.960   3.080   -1.167  1.00 29.82 ? 53  LEU A CG  1 
ATOM   409 C  CD1 . LEU A 1 53 ? 6.421   3.413   -1.405  1.00 27.19 ? 53  LEU A CD1 1 
ATOM   410 C  CD2 . LEU A 1 53 ? 4.803   2.316   0.134   1.00 32.55 ? 53  LEU A CD2 1 
ATOM   411 N  N   . ILE A 1 54 ? 2.136   3.805   -3.722  1.00 31.44 ? 54  ILE A N   1 
ATOM   412 C  CA  . ILE A 1 54 ? 1.546   2.910   -4.713  1.00 31.10 ? 54  ILE A CA  1 
ATOM   413 C  C   . ILE A 1 54 ? 1.570   3.509   -6.113  1.00 30.41 ? 54  ILE A C   1 
ATOM   414 O  O   . ILE A 1 54 ? 1.915   2.805   -7.069  1.00 30.82 ? 54  ILE A O   1 
ATOM   415 C  CB  . ILE A 1 54 ? 0.109   2.435   -4.302  1.00 31.36 ? 54  ILE A CB  1 
ATOM   416 C  CG1 . ILE A 1 54 ? 0.130   1.745   -2.933  1.00 33.36 ? 54  ILE A CG1 1 
ATOM   417 C  CG2 . ILE A 1 54 ? -0.401  1.421   -5.303  1.00 31.28 ? 54  ILE A CG2 1 
ATOM   418 C  CD1 . ILE A 1 54 ? 0.960   0.400   -2.934  1.00 33.02 ? 54  ILE A CD1 1 
ATOM   419 N  N   . ASN A 1 55 ? 1.270   4.797   -6.257  1.00 29.38 ? 55  ASN A N   1 
ATOM   420 C  CA  . ASN A 1 55 ? 1.511   5.441   -7.579  1.00 30.00 ? 55  ASN A CA  1 
ATOM   421 C  C   . ASN A 1 55 ? 2.931   5.200   -8.078  1.00 30.78 ? 55  ASN A C   1 
ATOM   422 O  O   . ASN A 1 55 ? 3.115   4.814   -9.247  1.00 30.84 ? 55  ASN A O   1 
ATOM   423 C  CB  . ASN A 1 55 ? 1.222   6.930   -7.568  1.00 28.15 ? 55  ASN A CB  1 
ATOM   424 C  CG  . ASN A 1 55 ? -0.198  7.206   -7.294  1.00 29.05 ? 55  ASN A CG  1 
ATOM   425 O  OD1 . ASN A 1 55 ? -1.041  6.303   -7.373  1.00 28.60 ? 55  ASN A OD1 1 
ATOM   426 N  ND2 . ASN A 1 55 ? -0.506  8.443   -6.980  1.00 29.27 ? 55  ASN A ND2 1 
ATOM   427 N  N   . GLN A 1 56 ? 3.911   5.424   -7.178  1.00 30.97 ? 56  GLN A N   1 
ATOM   428 C  CA  . GLN A 1 56 ? 5.312   5.274   -7.459  1.00 32.21 ? 56  GLN A CA  1 
ATOM   429 C  C   . GLN A 1 56 ? 5.593   3.838   -7.878  1.00 32.07 ? 56  GLN A C   1 
ATOM   430 O  O   . GLN A 1 56 ? 6.285   3.610   -8.854  1.00 32.35 ? 56  GLN A O   1 
ATOM   431 C  CB  . GLN A 1 56 ? 6.114   5.638   -6.223  1.00 32.67 ? 56  GLN A CB  1 
ATOM   432 C  CG  . GLN A 1 56 ? 7.502   4.979   -6.131  1.00 34.94 ? 56  GLN A CG  1 
ATOM   433 C  CD  . GLN A 1 56 ? 8.375   5.541   -4.996  1.00 34.23 ? 56  GLN A CD  1 
ATOM   434 O  OE1 . GLN A 1 56 ? 7.916   5.747   -3.867  1.00 38.19 ? 56  GLN A OE1 1 
ATOM   435 N  NE2 . GLN A 1 56 ? 9.628   5.777   -5.290  1.00 34.67 ? 56  GLN A NE2 1 
ATOM   436 N  N   . TYR A 1 57 ? 5.026   2.859   -7.156  1.00 32.16 ? 57  TYR A N   1 
ATOM   437 C  CA  . TYR A 1 57 ? 5.228   1.460   -7.539  1.00 31.50 ? 57  TYR A CA  1 
ATOM   438 C  C   . TYR A 1 57 ? 4.643   1.186   -8.955  1.00 31.81 ? 57  TYR A C   1 
ATOM   439 O  O   . TYR A 1 57 ? 5.317   0.625   -9.889  1.00 30.22 ? 57  TYR A O   1 
ATOM   440 C  CB  . TYR A 1 57 ? 4.627   0.510   -6.510  1.00 30.90 ? 57  TYR A CB  1 
ATOM   441 C  CG  . TYR A 1 57 ? 4.981   -0.862  -6.855  1.00 30.75 ? 57  TYR A CG  1 
ATOM   442 C  CD1 . TYR A 1 57 ? 6.100   -1.451  -6.304  1.00 29.31 ? 57  TYR A CD1 1 
ATOM   443 C  CD2 . TYR A 1 57 ? 4.264   -1.556  -7.844  1.00 33.72 ? 57  TYR A CD2 1 
ATOM   444 C  CE1 . TYR A 1 57 ? 6.499   -2.754  -6.694  1.00 32.76 ? 57  TYR A CE1 1 
ATOM   445 C  CE2 . TYR A 1 57 ? 4.640   -2.859  -8.251  1.00 35.22 ? 57  TYR A CE2 1 
ATOM   446 C  CZ  . TYR A 1 57 ? 5.767   -3.456  -7.667  1.00 34.15 ? 57  TYR A CZ  1 
ATOM   447 O  OH  . TYR A 1 57 ? 6.162   -4.720  -8.052  1.00 33.17 ? 57  TYR A OH  1 
ATOM   448 N  N   . ILE A 1 58 ? 3.394   1.613   -9.139  1.00 31.45 ? 58  ILE A N   1 
ATOM   449 C  CA  . ILE A 1 58 ? 2.704   1.351   -10.451 1.00 31.38 ? 58  ILE A CA  1 
ATOM   450 C  C   . ILE A 1 58 ? 3.480   1.983   -11.625 1.00 31.95 ? 58  ILE A C   1 
ATOM   451 O  O   . ILE A 1 58 ? 3.804   1.320   -12.631 1.00 31.28 ? 58  ILE A O   1 
ATOM   452 C  CB  . ILE A 1 58 ? 1.207   1.796   -10.431 1.00 31.06 ? 58  ILE A CB  1 
ATOM   453 C  CG1 . ILE A 1 58 ? 0.454   1.017   -9.342  1.00 30.23 ? 58  ILE A CG1 1 
ATOM   454 C  CG2 . ILE A 1 58 ? 0.578   1.549   -11.750 1.00 29.97 ? 58  ILE A CG2 1 
ATOM   455 C  CD1 . ILE A 1 58 ? -0.993  1.459   -9.097  1.00 29.31 ? 58  ILE A CD1 1 
ATOM   456 N  N   . LEU A 1 59 ? 3.810   3.261   -11.481 1.00 31.94 ? 59  LEU A N   1 
ATOM   457 C  CA  . LEU A 1 59 ? 4.484   3.958   -12.574 1.00 32.14 ? 59  LEU A CA  1 
ATOM   458 C  C   . LEU A 1 59 ? 5.898   3.355   -12.825 1.00 32.71 ? 59  LEU A C   1 
ATOM   459 O  O   . LEU A 1 59 ? 6.352   3.274   -13.977 1.00 32.69 ? 59  LEU A O   1 
ATOM   460 C  CB  . LEU A 1 59 ? 4.530   5.422   -12.251 1.00 30.85 ? 59  LEU A CB  1 
ATOM   461 C  CG  . LEU A 1 59 ? 3.178   6.174   -12.208 1.00 31.48 ? 59  LEU A CG  1 
ATOM   462 C  CD1 . LEU A 1 59 ? 3.426   7.669   -11.943 1.00 30.25 ? 59  LEU A CD1 1 
ATOM   463 C  CD2 . LEU A 1 59 ? 2.408   6.051   -13.543 1.00 30.75 ? 59  LEU A CD2 1 
ATOM   464 N  N   . THR A 1 60 ? 6.572   2.913   -11.749 1.00 31.80 ? 60  THR A N   1 
ATOM   465 C  CA  . THR A 1 60 ? 7.938   2.458   -11.859 1.00 31.50 ? 60  THR A CA  1 
ATOM   466 C  C   . THR A 1 60 ? 7.916   1.164   -12.648 1.00 30.94 ? 60  THR A C   1 
ATOM   467 O  O   . THR A 1 60 ? 8.846   0.857   -13.359 1.00 28.32 ? 60  THR A O   1 
ATOM   468 C  CB  . THR A 1 60 ? 8.614   2.261   -10.464 1.00 31.40 ? 60  THR A CB  1 
ATOM   469 O  OG1 . THR A 1 60 ? 8.768   3.526   -9.816  1.00 35.50 ? 60  THR A OG1 1 
ATOM   470 C  CG2 . THR A 1 60 ? 10.017  1.699   -10.599 1.00 31.81 ? 60  THR A CG2 1 
ATOM   471 N  N   . HIS A 1 61 ? 6.838   0.397   -12.488 1.00 31.70 ? 61  HIS A N   1 
ATOM   472 C  CA  . HIS A 1 61 ? 6.740   -0.901  -13.127 1.00 31.73 ? 61  HIS A CA  1 
ATOM   473 C  C   . HIS A 1 61 ? 5.886   -0.919  -14.360 1.00 32.02 ? 61  HIS A C   1 
ATOM   474 O  O   . HIS A 1 61 ? 5.442   -1.961  -14.760 1.00 32.51 ? 61  HIS A O   1 
ATOM   475 C  CB  . HIS A 1 61 ? 6.221   -1.889  -12.141 1.00 30.85 ? 61  HIS A CB  1 
ATOM   476 C  CG  . HIS A 1 61 ? 7.220   -2.235  -11.106 1.00 32.92 ? 61  HIS A CG  1 
ATOM   477 N  ND1 . HIS A 1 61 ? 8.124   -3.266  -11.276 1.00 33.75 ? 61  HIS A ND1 1 
ATOM   478 C  CD2 . HIS A 1 61 ? 7.514   -1.647  -9.918  1.00 31.84 ? 61  HIS A CD2 1 
ATOM   479 C  CE1 . HIS A 1 61 ? 8.911   -3.320  -10.212 1.00 37.04 ? 61  HIS A CE1 1 
ATOM   480 N  NE2 . HIS A 1 61 ? 8.550   -2.363  -9.368  1.00 37.09 ? 61  HIS A NE2 1 
ATOM   481 N  N   . GLN A 1 62 ? 5.632   0.244   -14.931 1.00 33.48 ? 62  GLN A N   1 
ATOM   482 C  CA  . GLN A 1 62 ? 4.875   0.361   -16.201 1.00 35.82 ? 62  GLN A CA  1 
ATOM   483 C  C   . GLN A 1 62 ? 3.513   -0.338  -16.194 1.00 35.62 ? 62  GLN A C   1 
ATOM   484 O  O   . GLN A 1 62 ? 3.114   -0.918  -17.187 1.00 35.48 ? 62  GLN A O   1 
ATOM   485 C  CB  . GLN A 1 62 ? 5.731   -0.106  -17.384 1.00 36.19 ? 62  GLN A CB  1 
ATOM   486 C  CG  . GLN A 1 62 ? 7.152   0.538   -17.379 1.00 42.20 ? 62  GLN A CG  1 
ATOM   487 C  CD  . GLN A 1 62 ? 7.107   2.077   -17.471 1.00 49.33 ? 62  GLN A CD  1 
ATOM   488 O  OE1 . GLN A 1 62 ? 7.718   2.776   -16.652 1.00 53.59 ? 62  GLN A OE1 1 
ATOM   489 N  NE2 . GLN A 1 62 ? 6.341   2.603   -18.450 1.00 50.50 ? 62  GLN A NE2 1 
ATOM   490 N  N   . PHE A 1 63 ? 2.800   -0.236  -15.060 1.00 35.60 ? 63  PHE A N   1 
ATOM   491 C  CA  . PHE A 1 63 ? 1.465   -0.769  -14.892 1.00 35.03 ? 63  PHE A CA  1 
ATOM   492 C  C   . PHE A 1 63 ? 1.503   -2.298  -14.829 1.00 35.71 ? 63  PHE A C   1 
ATOM   493 O  O   . PHE A 1 63 ? 0.476   -2.953  -14.859 1.00 36.03 ? 63  PHE A O   1 
ATOM   494 C  CB  . PHE A 1 63 ? 0.526   -0.197  -15.968 1.00 34.92 ? 63  PHE A CB  1 
ATOM   495 C  CG  . PHE A 1 63 ? 0.534   1.297   -15.994 1.00 35.28 ? 63  PHE A CG  1 
ATOM   496 C  CD1 . PHE A 1 63 ? -0.288  2.019   -15.140 1.00 35.43 ? 63  PHE A CD1 1 
ATOM   497 C  CD2 . PHE A 1 63 ? 1.448   1.993   -16.786 1.00 36.49 ? 63  PHE A CD2 1 
ATOM   498 C  CE1 . PHE A 1 63 ? -0.236  3.412   -15.099 1.00 33.53 ? 63  PHE A CE1 1 
ATOM   499 C  CE2 . PHE A 1 63 ? 1.503   3.381   -16.773 1.00 34.75 ? 63  PHE A CE2 1 
ATOM   500 C  CZ  . PHE A 1 63 ? 0.642   4.091   -15.906 1.00 36.31 ? 63  PHE A CZ  1 
ATOM   501 N  N   . ASP A 1 64 ? 2.697   -2.851  -14.690 1.00 36.52 ? 64  ASP A N   1 
ATOM   502 C  CA  . ASP A 1 64 ? 2.864   -4.295  -14.515 1.00 37.84 ? 64  ASP A CA  1 
ATOM   503 C  C   . ASP A 1 64 ? 3.039   -4.559  -13.017 1.00 38.00 ? 64  ASP A C   1 
ATOM   504 O  O   . ASP A 1 64 ? 4.160   -4.613  -12.494 1.00 38.85 ? 64  ASP A O   1 
ATOM   505 C  CB  . ASP A 1 64 ? 4.080   -4.812  -15.331 1.00 37.42 ? 64  ASP A CB  1 
ATOM   506 C  CG  . ASP A 1 64 ? 4.193   -6.327  -15.335 1.00 39.83 ? 64  ASP A CG  1 
ATOM   507 O  OD1 . ASP A 1 64 ? 3.290   -7.020  -14.766 1.00 39.93 ? 64  ASP A OD1 1 
ATOM   508 O  OD2 . ASP A 1 64 ? 5.198   -6.824  -15.917 1.00 39.58 ? 64  ASP A OD2 1 
ATOM   509 N  N   . ALA A 1 65 ? 1.911   -4.696  -12.329 1.00 37.11 ? 65  ALA A N   1 
ATOM   510 C  CA  . ALA A 1 65 ? 1.871   -4.875  -10.872 1.00 35.95 ? 65  ALA A CA  1 
ATOM   511 C  C   . ALA A 1 65 ? 0.746   -5.884  -10.614 1.00 34.62 ? 65  ALA A C   1 
ATOM   512 O  O   . ALA A 1 65 ? -0.247  -5.922  -11.376 1.00 33.87 ? 65  ALA A O   1 
ATOM   513 C  CB  . ALA A 1 65 ? 1.579   -3.552  -10.178 1.00 34.97 ? 65  ALA A CB  1 
ATOM   514 N  N   . PRO A 1 66 ? 0.905   -6.715  -9.565  1.00 33.26 ? 66  PRO A N   1 
ATOM   515 C  CA  . PRO A 1 66 ? -0.101  -7.713  -9.184  1.00 32.13 ? 66  PRO A CA  1 
ATOM   516 C  C   . PRO A 1 66 ? -1.453  -7.042  -8.844  1.00 32.25 ? 66  PRO A C   1 
ATOM   517 O  O   . PRO A 1 66 ? -1.470  -5.837  -8.488  1.00 31.87 ? 66  PRO A O   1 
ATOM   518 C  CB  . PRO A 1 66 ? 0.519   -8.345  -7.949  1.00 32.14 ? 66  PRO A CB  1 
ATOM   519 C  CG  . PRO A 1 66 ? 1.983   -8.052  -8.058  1.00 31.99 ? 66  PRO A CG  1 
ATOM   520 C  CD  . PRO A 1 66 ? 2.086   -6.735  -8.682  1.00 32.11 ? 66  PRO A CD  1 
ATOM   521 N  N   . LYS A 1 67 ? -2.554  -7.798  -8.934  1.00 31.23 ? 67  LYS A N   1 
ATOM   522 C  CA  . LYS A 1 67 ? -3.885  -7.272  -8.673  1.00 31.57 ? 67  LYS A CA  1 
ATOM   523 C  C   . LYS A 1 67 ? -3.945  -6.528  -7.339  1.00 31.14 ? 67  LYS A C   1 
ATOM   524 O  O   . LYS A 1 67 ? -4.571  -5.464  -7.245  1.00 29.84 ? 67  LYS A O   1 
ATOM   525 C  CB  . LYS A 1 67 ? -4.962  -8.388  -8.726  1.00 31.91 ? 67  LYS A CB  1 
ATOM   526 C  CG  . LYS A 1 67 ? -6.463  -7.939  -8.453  1.00 33.04 ? 67  LYS A CG  1 
ATOM   527 C  CD  . LYS A 1 67 ? -7.617  -8.822  -9.071  1.00 33.71 ? 67  LYS A CD  1 
ATOM   528 C  CE  . LYS A 1 67 ? -7.538  -10.378 -8.736  1.00 39.56 ? 67  LYS A CE  1 
ATOM   529 N  NZ  . LYS A 1 67 ? -8.697  -11.385 -9.125  1.00 36.51 ? 67  LYS A NZ  1 
ATOM   530 N  N   . SER A 1 68 ? -3.282  -7.089  -6.315  1.00 30.85 ? 68  SER A N   1 
ATOM   531 C  CA  . SER A 1 68 ? -3.377  -6.530  -4.962  1.00 31.09 ? 68  SER A CA  1 
ATOM   532 C  C   . SER A 1 68 ? -2.926  -5.075  -4.898  1.00 29.98 ? 68  SER A C   1 
ATOM   533 O  O   . SER A 1 68 ? -3.432  -4.281  -4.122  1.00 30.10 ? 68  SER A O   1 
ATOM   534 C  CB  . SER A 1 68 ? -2.580  -7.379  -3.970  1.00 31.05 ? 68  SER A CB  1 
ATOM   535 O  OG  . SER A 1 68 ? -1.210  -7.433  -4.311  1.00 33.34 ? 68  SER A OG  1 
ATOM   536 N  N   . ILE A 1 69 ? -1.990  -4.725  -5.747  1.00 30.96 ? 69  ILE A N   1 
ATOM   537 C  CA  . ILE A 1 69 ? -1.436  -3.359  -5.811  1.00 31.86 ? 69  ILE A CA  1 
ATOM   538 C  C   . ILE A 1 69 ? -2.501  -2.433  -6.348  1.00 31.63 ? 69  ILE A C   1 
ATOM   539 O  O   . ILE A 1 69 ? -2.781  -1.370  -5.785  1.00 31.07 ? 69  ILE A O   1 
ATOM   540 C  CB  . ILE A 1 69 ? -0.167  -3.363  -6.652  1.00 32.65 ? 69  ILE A CB  1 
ATOM   541 C  CG1 . ILE A 1 69 ? 0.883   -4.249  -5.942  1.00 34.81 ? 69  ILE A CG1 1 
ATOM   542 C  CG2 . ILE A 1 69 ? 0.337   -1.918  -6.956  1.00 33.52 ? 69  ILE A CG2 1 
ATOM   543 C  CD1 . ILE A 1 69 ? 2.212   -3.585  -5.606  1.00 38.57 ? 69  ILE A CD1 1 
ATOM   544 N  N   . PHE A 1 70 ? -3.151  -2.875  -7.400  1.00 31.58 ? 70  PHE A N   1 
ATOM   545 C  CA  . PHE A 1 70 ? -4.267  -2.113  -7.930  1.00 32.18 ? 70  PHE A CA  1 
ATOM   546 C  C   . PHE A 1 70 ? -5.455  -2.057  -6.992  1.00 32.53 ? 70  PHE A C   1 
ATOM   547 O  O   . PHE A 1 70 ? -6.141  -1.017  -6.929  1.00 32.60 ? 70  PHE A O   1 
ATOM   548 C  CB  . PHE A 1 70 ? -4.679  -2.649  -9.283  1.00 32.82 ? 70  PHE A CB  1 
ATOM   549 C  CG  . PHE A 1 70 ? -3.700  -2.299  -10.400 1.00 34.33 ? 70  PHE A CG  1 
ATOM   550 C  CD1 . PHE A 1 70 ? -3.543  -0.969  -10.833 1.00 35.11 ? 70  PHE A CD1 1 
ATOM   551 C  CD2 . PHE A 1 70 ? -2.928  -3.305  -11.014 1.00 32.83 ? 70  PHE A CD2 1 
ATOM   552 C  CE1 . PHE A 1 70 ? -2.619  -0.652  -11.897 1.00 38.49 ? 70  PHE A CE1 1 
ATOM   553 C  CE2 . PHE A 1 70 ? -2.043  -3.016  -12.067 1.00 31.59 ? 70  PHE A CE2 1 
ATOM   554 C  CZ  . PHE A 1 70 ? -1.875  -1.700  -12.509 1.00 33.49 ? 70  PHE A CZ  1 
ATOM   555 N  N   . ASP A 1 71 ? -5.726  -3.172  -6.298  1.00 31.41 ? 71  ASP A N   1 
ATOM   556 C  CA  . ASP A 1 71 ? -6.742  -3.206  -5.287  1.00 31.64 ? 71  ASP A CA  1 
ATOM   557 C  C   . ASP A 1 71 ? -6.533  -2.168  -4.151  1.00 31.39 ? 71  ASP A C   1 
ATOM   558 O  O   . ASP A 1 71 ? -7.389  -1.313  -3.917  1.00 31.92 ? 71  ASP A O   1 
ATOM   559 C  CB  . ASP A 1 71 ? -6.814  -4.606  -4.678  1.00 32.97 ? 71  ASP A CB  1 
ATOM   560 C  CG  . ASP A 1 71 ? -7.486  -5.622  -5.586  1.00 36.12 ? 71  ASP A CG  1 
ATOM   561 O  OD1 . ASP A 1 71 ? -8.026  -5.286  -6.671  1.00 41.36 ? 71  ASP A OD1 1 
ATOM   562 O  OD2 . ASP A 1 71 ? -7.444  -6.802  -5.191  1.00 40.06 ? 71  ASP A OD2 1 
ATOM   563 N  N   . LEU A 1 72 ? -5.406  -2.271  -3.442  1.00 29.92 ? 72  LEU A N   1 
ATOM   564 C  CA  . LEU A 1 72 ? -4.929  -1.232  -2.548  1.00 29.53 ? 72  LEU A CA  1 
ATOM   565 C  C   . LEU A 1 72 ? -4.985  0.162   -3.151  1.00 29.30 ? 72  LEU A C   1 
ATOM   566 O  O   . LEU A 1 72 ? -5.523  1.105   -2.555  1.00 30.68 ? 72  LEU A O   1 
ATOM   567 C  CB  . LEU A 1 72 ? -3.471  -1.512  -2.111  1.00 29.15 ? 72  LEU A CB  1 
ATOM   568 C  CG  . LEU A 1 72 ? -2.844  -0.493  -1.176  1.00 27.50 ? 72  LEU A CG  1 
ATOM   569 C  CD1 . LEU A 1 72 ? -3.744  -0.192  0.083   1.00 31.87 ? 72  LEU A CD1 1 
ATOM   570 C  CD2 . LEU A 1 72 ? -1.481  -1.019  -0.724  1.00 28.02 ? 72  LEU A CD2 1 
ATOM   571 N  N   . SER A 1 73 ? -4.406  0.333   -4.298  1.00 27.95 ? 73  SER A N   1 
ATOM   572 C  CA  . SER A 1 73 ? -4.463  1.684   -4.926  1.00 28.82 ? 73  SER A CA  1 
ATOM   573 C  C   . SER A 1 73 ? -5.894  2.237   -4.964  1.00 29.07 ? 73  SER A C   1 
ATOM   574 O  O   . SER A 1 73 ? -6.118  3.376   -4.619  1.00 27.24 ? 73  SER A O   1 
ATOM   575 C  CB  . SER A 1 73 ? -3.958  1.633   -6.355  1.00 27.53 ? 73  SER A CB  1 
ATOM   576 O  OG  . SER A 1 73 ? -4.002  2.918   -6.932  1.00 32.10 ? 73  SER A OG  1 
ATOM   577 N  N   . ARG A 1 74 ? -6.854  1.379   -5.373  1.00 29.43 ? 74  ARG A N   1 
ATOM   578 C  CA  . ARG A 1 74 ? -8.218  1.734   -5.508  1.00 29.54 ? 74  ARG A CA  1 
ATOM   579 C  C   . ARG A 1 74 ? -8.824  2.210   -4.177  1.00 30.44 ? 74  ARG A C   1 
ATOM   580 O  O   . ARG A 1 74 ? -9.513  3.246   -4.099  1.00 29.70 ? 74  ARG A O   1 
ATOM   581 C  CB  . ARG A 1 74 ? -8.981  0.523   -6.048  1.00 30.35 ? 74  ARG A CB  1 
ATOM   582 C  CG  . ARG A 1 74 ? -10.444 0.772   -6.091  1.00 29.51 ? 74  ARG A CG  1 
ATOM   583 C  CD  . ARG A 1 74 ? -11.262 -0.434  -5.852  1.00 27.46 ? 74  ARG A CD  1 
ATOM   584 N  NE  . ARG A 1 74 ? -12.653 -0.032  -5.976  1.00 26.55 ? 74  ARG A NE  1 
ATOM   585 C  CZ  . ARG A 1 74 ? -13.642 -0.883  -6.197  1.00 28.77 ? 74  ARG A CZ  1 
ATOM   586 N  NH1 . ARG A 1 74 ? -13.368 -2.178  -6.315  1.00 27.84 ? 74  ARG A NH1 1 
ATOM   587 N  NH2 . ARG A 1 74 ? -14.883 -0.441  -6.313  1.00 26.33 ? 74  ARG A NH2 1 
ATOM   588 N  N   . LEU A 1 75 ? -8.569  1.427   -3.139  1.00 29.94 ? 75  LEU A N   1 
ATOM   589 C  CA  . LEU A 1 75 ? -9.050  1.721   -1.830  1.00 30.81 ? 75  LEU A CA  1 
ATOM   590 C  C   . LEU A 1 75 ? -8.579  3.064   -1.261  1.00 31.87 ? 75  LEU A C   1 
ATOM   591 O  O   . LEU A 1 75 ? -9.386  3.776   -0.660  1.00 32.62 ? 75  LEU A O   1 
ATOM   592 C  CB  . LEU A 1 75 ? -8.694  0.574   -0.855  1.00 31.10 ? 75  LEU A CB  1 
ATOM   593 C  CG  . LEU A 1 75 ? -9.355  -0.782  -1.119  1.00 32.12 ? 75  LEU A CG  1 
ATOM   594 C  CD1 . LEU A 1 75 ? -9.099  -1.743  0.036   1.00 30.38 ? 75  LEU A CD1 1 
ATOM   595 C  CD2 . LEU A 1 75 ? -10.859 -0.624  -1.292  1.00 35.57 ? 75  LEU A CD2 1 
ATOM   596 N  N   . VAL A 1 76 ? -7.285  3.374   -1.355  1.00 32.19 ? 76  VAL A N   1 
ATOM   597 C  CA  . VAL A 1 76 ? -6.787  4.627   -0.794  1.00 33.29 ? 76  VAL A CA  1 
ATOM   598 C  C   . VAL A 1 76 ? -7.143  5.775   -1.705  1.00 34.46 ? 76  VAL A C   1 
ATOM   599 O  O   . VAL A 1 76 ? -7.292  6.911   -1.207  1.00 35.47 ? 76  VAL A O   1 
ATOM   600 C  CB  . VAL A 1 76 ? -5.234  4.666   -0.468  1.00 32.17 ? 76  VAL A CB  1 
ATOM   601 C  CG1 . VAL A 1 76 ? -4.919  3.662   0.546   1.00 32.63 ? 76  VAL A CG1 1 
ATOM   602 C  CG2 . VAL A 1 76 ? -4.453  4.362   -1.671  1.00 34.10 ? 76  VAL A CG2 1 
ATOM   603 N  N   . LYS A 1 77 ? -7.304  5.528   -3.010  1.00 34.57 ? 77  LYS A N   1 
ATOM   604 C  CA  . LYS A 1 77 ? -7.888  6.613   -3.867  1.00 36.07 ? 77  LYS A CA  1 
ATOM   605 C  C   . LYS A 1 77 ? -9.313  7.034   -3.461  1.00 38.24 ? 77  LYS A C   1 
ATOM   606 O  O   . LYS A 1 77 ? -9.640  8.206   -3.483  1.00 38.11 ? 77  LYS A O   1 
ATOM   607 C  CB  . LYS A 1 77 ? -7.751  6.351   -5.377  1.00 34.84 ? 77  LYS A CB  1 
ATOM   608 C  CG  . LYS A 1 77 ? -6.318  6.715   -5.938  1.00 36.47 ? 77  LYS A CG  1 
ATOM   609 C  CD  . LYS A 1 77 ? -6.035  6.241   -7.403  1.00 35.27 ? 77  LYS A CD  1 
ATOM   610 C  CE  . LYS A 1 77 ? -4.526  6.113   -7.670  1.00 31.33 ? 77  LYS A CE  1 
ATOM   611 N  NZ  . LYS A 1 77 ? -3.813  7.372   -7.263  1.00 31.05 ? 77  LYS A NZ  1 
ATOM   612 N  N   . THR A 1 78 ? -10.148 6.076   -3.072  1.00 41.01 ? 78  THR A N   1 
ATOM   613 C  CA  . THR A 1 78 ? -11.502 6.373   -2.580  1.00 43.66 ? 78  THR A CA  1 
ATOM   614 C  C   . THR A 1 78 ? -11.489 7.326   -1.352  1.00 44.40 ? 78  THR A C   1 
ATOM   615 O  O   . THR A 1 78 ? -12.112 8.381   -1.410  1.00 45.95 ? 78  THR A O   1 
ATOM   616 C  CB  . THR A 1 78 ? -12.244 5.050   -2.308  1.00 43.84 ? 78  THR A CB  1 
ATOM   617 O  OG1 . THR A 1 78 ? -12.149 4.240   -3.481  1.00 45.13 ? 78  THR A OG1 1 
ATOM   618 C  CG2 . THR A 1 78 ? -13.710 5.276   -1.999  1.00 44.40 ? 78  THR A CG2 1 
ATOM   619 N  N   . LYS A 1 79 ? -10.814 6.951   -0.254  1.00 45.93 ? 79  LYS A N   1 
ATOM   620 C  CA  . LYS A 1 79 ? -10.217 7.911   0.754   1.00 47.02 ? 79  LYS A CA  1 
ATOM   621 C  C   . LYS A 1 79 ? -9.531  6.986   1.701   1.00 48.04 ? 79  LYS A C   1 
ATOM   622 O  O   . LYS A 1 79 ? -9.846  5.793   1.707   1.00 49.01 ? 79  LYS A O   1 
ATOM   623 C  CB  . LYS A 1 79 ? -11.198 8.778   1.599   1.00 46.92 ? 79  LYS A CB  1 
ATOM   624 C  CG  . LYS A 1 79 ? -12.574 9.301   0.960   1.00 49.09 ? 79  LYS A CG  1 
ATOM   625 C  CD  . LYS A 1 79 ? -13.687 9.657   2.010   1.00 46.24 ? 79  LYS A CD  1 
ATOM   626 C  CE  . LYS A 1 79 ? -15.048 9.081   1.549   1.00 46.07 ? 79  LYS A CE  1 
ATOM   627 N  NZ  . LYS A 1 79 ? -15.045 7.594   1.190   1.00 42.91 ? 79  LYS A NZ  1 
HETATM 628 O  O   . HOH B 2 .  ? -4.191  -5.300  -1.671  1.00 23.20 ? 103 HOH A O   1 
HETATM 629 O  O   . HOH B 2 .  ? 13.081  -6.970  0.597   1.00 42.10 ? 104 HOH A O   1 
HETATM 630 O  O   . HOH B 2 .  ? -9.033  9.719   6.814   1.00 45.32 ? 105 HOH A O   1 
HETATM 631 O  O   . HOH B 2 .  ? -5.682  7.886   13.410  1.00 38.93 ? 106 HOH A O   1 
HETATM 632 O  O   . HOH B 2 .  ? 15.093  -1.540  -2.837  1.00 49.50 ? 107 HOH A O   1 
HETATM 633 O  O   . HOH B 2 .  ? -12.787 11.389  -0.960  1.00 48.77 ? 108 HOH A O   1 
HETATM 634 O  O   . HOH B 2 .  ? -10.108 -2.973  -4.120  1.00 42.39 ? 109 HOH A O   1 
HETATM 635 O  O   . HOH B 2 .  ? -2.489  7.490   10.572  1.00 46.99 ? 110 HOH A O   1 
HETATM 636 O  O   . HOH B 2 .  ? -2.414  4.713   -5.693  1.00 31.24 ? 111 HOH A O   1 
HETATM 637 O  O   . HOH B 2 .  ? -12.526 2.496   9.681   1.00 54.74 ? 112 HOH A O   1 
HETATM 638 O  O   . HOH B 2 .  ? 3.574   -13.847 -3.965  1.00 43.82 ? 113 HOH A O   1 
HETATM 639 O  O   . HOH B 2 .  ? -8.998  -5.589  2.450   1.00 30.73 ? 114 HOH A O   1 
HETATM 640 O  O   . HOH B 2 .  ? -16.288 -0.985  2.847   1.00 46.31 ? 115 HOH A O   1 
HETATM 641 O  O   . HOH B 2 .  ? -12.114 -0.405  10.594  1.00 52.29 ? 116 HOH A O   1 
HETATM 642 O  O   . HOH B 2 .  ? 4.214   -11.306 -6.638  1.00 33.54 ? 117 HOH A O   1 
HETATM 643 O  O   . HOH B 2 .  ? 13.732  0.021   -4.603  1.00 36.87 ? 118 HOH A O   1 
HETATM 644 O  O   . HOH B 2 .  ? -2.114  -9.807  -6.437  1.00 36.91 ? 119 HOH A O   1 
HETATM 645 O  O   . HOH B 2 .  ? -13.782 2.854   11.644  1.00 46.53 ? 120 HOH A O   1 
HETATM 646 O  O   . HOH B 2 .  ? -10.093 11.076  -0.259  1.00 48.73 ? 121 HOH A O   1 
HETATM 647 O  O   . HOH B 2 .  ? -15.210 -0.521  0.736   1.00 48.06 ? 122 HOH A O   1 
HETATM 648 O  O   . HOH B 2 .  ? -7.697  5.211   16.311  1.00 53.26 ? 123 HOH A O   1 
HETATM 649 O  O   . HOH B 2 .  ? -7.669  -7.256  1.106   1.00 32.41 ? 124 HOH A O   1 
HETATM 650 O  O   . HOH B 2 .  ? 4.350   9.294   -6.845  1.00 48.53 ? 125 HOH A O   1 
HETATM 651 O  O   . HOH B 2 .  ? -11.320 -4.955  0.410   1.00 33.56 ? 126 HOH A O   1 
HETATM 652 O  O   . HOH B 2 .  ? 6.576   -0.915  13.361  1.00 45.61 ? 127 HOH A O   1 
HETATM 653 O  O   . HOH B 2 .  ? 5.147   -6.024  -10.430 1.00 35.92 ? 128 HOH A O   1 
HETATM 654 O  O   . HOH B 2 .  ? -16.477 2.192   -1.508  1.00 30.77 ? 129 HOH A O   1 
HETATM 655 O  O   . HOH B 2 .  ? -15.043 0.192   -1.824  1.00 38.89 ? 130 HOH A O   1 
HETATM 656 O  O   . HOH B 2 .  ? -13.671 1.841   -4.575  1.00 44.56 ? 131 HOH A O   1 
HETATM 657 O  O   . HOH B 2 .  ? -15.236 0.712   10.959  1.00 52.43 ? 132 HOH A O   1 
HETATM 658 O  O   . HOH B 2 .  ? -14.839 -2.262  12.729  1.00 58.78 ? 133 HOH A O   1 
HETATM 659 O  O   . HOH B 2 .  ? 6.534   8.182   -8.313  1.00 49.25 ? 134 HOH A O   1 
HETATM 660 O  O   . HOH B 2 .  ? -12.209 6.852   5.644   1.00 54.99 ? 135 HOH A O   1 
HETATM 661 O  O   . HOH B 2 .  ? -7.284  -6.030  -1.122  1.00 38.02 ? 136 HOH A O   1 
HETATM 662 O  O   . HOH B 2 .  ? 1.247   10.211  8.275   1.00 44.27 ? 137 HOH A O   1 
HETATM 663 O  O   . HOH B 2 .  ? -6.624  0.394   13.865  1.00 48.92 ? 138 HOH A O   1 
HETATM 664 O  O   . HOH B 2 .  ? 8.171   1.297   12.341  1.00 54.61 ? 139 HOH A O   1 
HETATM 665 O  O   . HOH B 2 .  ? -14.626 -2.242  -2.596  1.00 42.69 ? 140 HOH A O   1 
HETATM 666 O  O   . HOH B 2 .  ? 4.868   13.844  6.885   1.00 57.00 ? 141 HOH A O   1 
HETATM 667 O  O   . HOH B 2 .  ? -1.484  -3.979  -15.993 1.00 57.59 ? 142 HOH A O   1 
HETATM 668 O  O   . HOH B 2 .  ? -3.784  -7.748  8.190   1.00 46.45 ? 143 HOH A O   1 
HETATM 669 O  O   . HOH B 2 .  ? 7.879   6.225   15.806  1.00 46.97 ? 144 HOH A O   1 
HETATM 670 O  O   . HOH B 2 .  ? -12.871 5.034   10.363  1.00 63.11 ? 145 HOH A O   1 
HETATM 671 O  O   . HOH B 2 .  ? -16.067 2.115   5.847   1.00 49.02 ? 146 HOH A O   1 
HETATM 672 O  O   . HOH B 2 .  ? 16.260  -4.555  -3.282  1.00 43.25 ? 147 HOH A O   1 
HETATM 673 O  O   . HOH B 2 .  ? -0.374  11.406  -3.631  1.00 50.91 ? 148 HOH A O   1 
HETATM 674 O  O   . HOH B 2 .  ? -13.757 -5.338  0.930   1.00 52.78 ? 149 HOH A O   1 
HETATM 675 O  O   . HOH B 2 .  ? 4.035   8.695   7.789   1.00 48.99 ? 150 HOH A O   1 
HETATM 676 O  O   . HOH B 2 .  ? 16.641  -5.495  -5.566  1.00 70.32 ? 151 HOH A O   1 
HETATM 677 O  O   . HOH B 2 .  ? 10.764  -3.224  -7.633  1.00 50.04 ? 152 HOH A O   1 
HETATM 678 O  O   . HOH B 2 .  ? 1.573   -6.480  7.901   1.00 43.15 ? 153 HOH A O   1 
HETATM 679 O  O   . HOH B 2 .  ? -16.703 3.622   -0.452  1.00 49.07 ? 154 HOH A O   1 
HETATM 680 O  O   . HOH B 2 .  ? 1.664   10.418  -6.185  1.00 44.56 ? 155 HOH A O   1 
HETATM 681 O  O   . HOH B 2 .  ? 5.964   3.087   11.102  1.00 57.39 ? 156 HOH A O   1 
HETATM 682 O  O   . HOH B 2 .  ? -0.562  -12.336 -2.062  1.00 55.39 ? 157 HOH A O   1 
HETATM 683 O  O   . HOH B 2 .  ? 15.075  3.159   7.583   1.00 42.34 ? 158 HOH A O   1 
HETATM 684 O  O   . HOH B 2 .  ? -0.692  -12.677 -6.360  1.00 64.43 ? 159 HOH A O   1 
HETATM 685 O  O   . HOH B 2 .  ? -8.722  -9.881  0.052   1.00 49.82 ? 160 HOH A O   1 
HETATM 686 O  O   . HOH B 2 .  ? 4.206   2.660   13.215  1.00 69.23 ? 161 HOH A O   1 
HETATM 687 O  O   . HOH B 2 .  ? 9.257   -4.985  -7.145  1.00 48.04 ? 162 HOH A O   1 
HETATM 688 O  O   . HOH B 2 .  ? -6.963  -7.939  -2.818  1.00 49.72 ? 163 HOH A O   1 
HETATM 689 O  O   . HOH B 2 .  ? 14.032  -5.758  -6.952  1.00 58.56 ? 164 HOH A O   1 
HETATM 690 O  O   . HOH B 2 .  ? -7.795  10.055  -0.183  1.00 52.40 ? 165 HOH A O   1 
HETATM 691 O  O   . HOH B 2 .  ? -11.982 -4.796  16.259  1.00 61.45 ? 166 HOH A O   1 
HETATM 692 O  O   . HOH B 2 .  ? 0.041   8.686   17.868  1.00 68.39 ? 167 HOH A O   1 
HETATM 693 O  O   . HOH B 2 .  ? -8.380  -3.637  -9.621  1.00 66.75 ? 168 HOH A O   1 
HETATM 694 O  O   . HOH B 2 .  ? -2.234  -10.098 -9.922  1.00 45.99 ? 169 HOH A O   1 
# 
